data_5FJV
#
_entry.id   5FJV
#
_cell.length_a   101.524
_cell.length_b   116.559
_cell.length_c   129.546
_cell.angle_alpha   90.00
_cell.angle_beta   90.00
_cell.angle_gamma   90.00
#
_symmetry.space_group_name_H-M   'P 21 21 21'
#
loop_
_entity.id
_entity.type
_entity.pdbx_description
1 polymer 'NEURONAL ACETYLCHOLINE RECEPTOR SUBUNIT ALPHA-2'
2 non-polymer EPIBATIDINE
#
_entity_poly.entity_id   1
_entity_poly.type   'polypeptide(L)'
_entity_poly.pdbx_seq_one_letter_code
;EDRLFKHLFRGYNRWARPVPNTSDVVIVRFGLSIAQLIDVDEKNQMMTTNVWLKQEWSDYKLRWNPTDFGNITSLRVPSE
MIWIPDIVLYNNADGEFAVTHMTKAHLFSTGTVHWVPPAIYKSSCSIDVTFFPFDQQNCKMKFGSWTYDKAKIDLEQMEQ
TVDLKDYWESGEWAIVNATGTYNSKKYDCCAEIYPDVTYAFVIRRLPHHHHHH
;
_entity_poly.pdbx_strand_id   A,B,C,D,E
#
# COMPACT_ATOMS: atom_id res chain seq x y z
N ASP A 2 22.82 6.77 -29.32
CA ASP A 2 22.63 7.15 -27.93
C ASP A 2 21.44 6.43 -27.33
N ARG A 3 21.67 5.86 -26.14
CA ARG A 3 20.64 5.13 -25.40
C ARG A 3 19.29 5.83 -25.19
N LEU A 4 19.32 7.14 -24.97
CA LEU A 4 18.10 7.90 -24.71
C LEU A 4 17.39 8.13 -25.99
N PHE A 5 18.16 8.01 -27.06
CA PHE A 5 17.70 8.18 -28.42
C PHE A 5 16.78 7.03 -28.84
N LYS A 6 17.08 5.82 -28.38
CA LYS A 6 16.24 4.68 -28.72
C LYS A 6 14.96 4.64 -27.91
N HIS A 7 15.04 5.03 -26.64
CA HIS A 7 13.86 5.08 -25.78
C HIS A 7 12.80 6.02 -26.32
N LEU A 8 13.19 7.26 -26.60
CA LEU A 8 12.22 8.24 -27.07
C LEU A 8 11.67 7.73 -28.39
N PHE A 9 12.51 7.10 -29.21
CA PHE A 9 12.01 6.56 -30.48
C PHE A 9 10.80 5.61 -30.37
N ARG A 10 10.89 4.66 -29.44
CA ARG A 10 9.83 3.67 -29.17
C ARG A 10 8.75 4.08 -28.21
N GLY A 11 9.12 4.73 -27.13
CA GLY A 11 8.14 5.09 -26.15
C GLY A 11 7.29 6.20 -26.69
N TYR A 12 7.84 7.02 -27.62
CA TYR A 12 7.29 8.34 -28.00
C TYR A 12 5.84 8.20 -28.36
N ASN A 13 5.56 7.42 -29.39
CA ASN A 13 4.19 7.06 -29.65
C ASN A 13 4.03 5.70 -29.05
N ARG A 14 3.06 5.51 -28.17
CA ARG A 14 2.67 4.15 -27.90
C ARG A 14 1.55 4.15 -26.91
N TRP A 15 0.63 3.21 -27.04
CA TRP A 15 -0.34 3.01 -25.99
C TRP A 15 -0.14 1.58 -25.54
N ALA A 16 0.17 1.43 -24.24
CA ALA A 16 0.37 0.18 -23.54
C ALA A 16 -0.97 -0.52 -23.41
N ARG A 17 -2.01 0.30 -23.54
CA ARG A 17 -3.40 -0.09 -23.40
C ARG A 17 -3.90 -1.05 -24.47
N PRO A 18 -3.59 -0.80 -25.75
CA PRO A 18 -3.94 -1.67 -26.90
C PRO A 18 -3.03 -2.90 -27.05
N VAL A 19 -3.64 -4.00 -27.46
CA VAL A 19 -2.93 -5.26 -27.64
C VAL A 19 -1.86 -5.13 -28.72
N PRO A 20 -0.67 -5.69 -28.48
CA PRO A 20 0.49 -5.42 -29.34
C PRO A 20 0.60 -6.25 -30.64
N ASN A 21 -0.22 -5.91 -31.62
CA ASN A 21 -0.04 -6.44 -32.97
C ASN A 21 -1.02 -5.85 -33.96
N THR A 22 -0.64 -5.93 -35.25
CA THR A 22 -1.41 -5.46 -36.39
C THR A 22 -2.89 -5.86 -36.39
N SER A 23 -3.12 -7.05 -35.85
CA SER A 23 -4.42 -7.66 -35.68
C SER A 23 -4.16 -9.00 -35.04
N ASP A 24 -5.22 -9.62 -34.57
CA ASP A 24 -5.22 -10.84 -33.79
C ASP A 24 -4.25 -11.93 -34.29
N VAL A 25 -3.60 -12.75 -33.41
CA VAL A 25 -3.70 -12.83 -31.94
C VAL A 25 -2.36 -12.87 -31.20
N VAL A 26 -2.35 -12.44 -29.93
CA VAL A 26 -1.15 -12.51 -29.10
C VAL A 26 -0.81 -13.83 -28.39
N ILE A 27 0.36 -14.36 -28.71
CA ILE A 27 0.83 -15.61 -28.13
C ILE A 27 1.93 -15.39 -27.13
N VAL A 28 1.69 -15.89 -25.92
CA VAL A 28 2.64 -15.72 -24.83
C VAL A 28 3.28 -17.03 -24.38
N ARG A 29 4.60 -17.10 -24.45
CA ARG A 29 5.33 -18.21 -23.87
C ARG A 29 5.35 -18.07 -22.37
N PHE A 30 4.83 -19.08 -21.68
CA PHE A 30 4.65 -18.99 -20.25
C PHE A 30 5.23 -20.15 -19.49
N GLY A 31 6.07 -19.85 -18.52
CA GLY A 31 6.61 -20.92 -17.72
C GLY A 31 6.87 -20.47 -16.30
N LEU A 32 6.73 -21.43 -15.40
CA LEU A 32 6.89 -21.16 -14.00
C LEU A 32 8.25 -21.67 -13.63
N SER A 33 8.98 -20.87 -12.87
CA SER A 33 10.18 -21.34 -12.23
C SER A 33 9.89 -21.27 -10.74
N ILE A 34 10.33 -22.27 -9.99
CA ILE A 34 10.09 -22.21 -8.56
C ILE A 34 11.39 -22.13 -7.79
N ALA A 35 11.61 -20.99 -7.14
CA ALA A 35 12.86 -20.76 -6.48
C ALA A 35 12.83 -21.40 -5.12
N GLN A 36 11.70 -21.29 -4.45
CA GLN A 36 11.58 -21.87 -3.13
C GLN A 36 10.13 -22.18 -2.82
N LEU A 37 9.92 -23.27 -2.08
CA LEU A 37 8.62 -23.52 -1.50
C LEU A 37 8.78 -23.06 -0.07
N ILE A 38 8.16 -21.92 0.22
CA ILE A 38 8.52 -21.19 1.41
C ILE A 38 8.02 -21.90 2.66
N ASP A 39 6.72 -22.15 2.74
CA ASP A 39 6.11 -22.88 3.85
C ASP A 39 4.73 -23.38 3.43
N VAL A 40 4.35 -24.56 3.89
CA VAL A 40 2.97 -25.00 3.74
C VAL A 40 2.47 -25.54 5.05
N ASP A 41 1.50 -24.86 5.66
CA ASP A 41 0.94 -25.32 6.92
C ASP A 41 -0.47 -25.84 6.67
N GLU A 42 -0.81 -26.91 7.36
CA GLU A 42 -2.06 -27.61 7.14
C GLU A 42 -3.23 -27.03 7.90
N LYS A 43 -3.00 -26.66 9.15
CA LYS A 43 -3.98 -25.89 9.92
C LYS A 43 -4.57 -24.86 8.96
N ASN A 44 -3.68 -24.27 8.16
CA ASN A 44 -4.06 -23.33 7.14
C ASN A 44 -4.52 -24.02 5.84
N GLN A 45 -3.99 -25.21 5.57
CA GLN A 45 -4.35 -25.98 4.37
C GLN A 45 -3.91 -25.28 3.09
N MET A 46 -2.87 -24.47 3.19
CA MET A 46 -2.45 -23.71 2.03
C MET A 46 -0.94 -23.74 1.93
N MET A 47 -0.42 -23.36 0.77
CA MET A 47 1.00 -23.44 0.49
C MET A 47 1.57 -22.09 0.16
N THR A 48 2.81 -21.81 0.58
CA THR A 48 3.51 -20.57 0.22
C THR A 48 4.75 -20.81 -0.60
N THR A 49 4.77 -20.21 -1.79
CA THR A 49 5.80 -20.41 -2.78
C THR A 49 6.46 -19.11 -3.19
N ASN A 50 7.74 -19.21 -3.54
CA ASN A 50 8.51 -18.12 -4.12
C ASN A 50 8.85 -18.49 -5.56
N VAL A 51 8.21 -17.84 -6.53
CA VAL A 51 8.34 -18.25 -7.94
C VAL A 51 8.74 -17.13 -8.91
N TRP A 52 9.17 -17.54 -10.11
CA TRP A 52 9.46 -16.65 -11.24
C TRP A 52 8.50 -16.92 -12.41
N LEU A 53 7.75 -15.93 -12.83
CA LEU A 53 6.83 -16.15 -13.93
C LEU A 53 7.49 -15.77 -15.27
N LYS A 54 7.99 -16.77 -15.99
CA LYS A 54 8.64 -16.53 -17.27
C LYS A 54 7.61 -16.21 -18.32
N GLN A 55 7.73 -15.04 -18.92
CA GLN A 55 6.83 -14.70 -19.99
C GLN A 55 7.66 -14.13 -21.12
N GLU A 56 7.37 -14.52 -22.35
CA GLU A 56 8.00 -13.90 -23.50
C GLU A 56 6.95 -13.85 -24.58
N TRP A 57 6.87 -12.70 -25.22
CA TRP A 57 5.91 -12.45 -26.29
C TRP A 57 6.54 -11.51 -27.30
N SER A 58 5.78 -11.22 -28.35
CA SER A 58 6.26 -10.32 -29.37
C SER A 58 5.46 -9.03 -29.43
N ASP A 59 6.14 -7.89 -29.31
CA ASP A 59 5.50 -6.61 -29.57
C ASP A 59 6.11 -5.99 -30.81
N TYR A 60 5.36 -5.95 -31.90
CA TYR A 60 5.92 -5.42 -33.13
C TYR A 60 6.23 -3.93 -32.98
N LYS A 61 5.38 -3.21 -32.25
CA LYS A 61 5.52 -1.77 -32.14
C LYS A 61 6.83 -1.44 -31.43
N LEU A 62 7.48 -2.45 -30.86
CA LEU A 62 8.75 -2.30 -30.15
C LEU A 62 9.99 -2.69 -30.97
N ARG A 63 9.83 -2.88 -32.28
CA ARG A 63 10.93 -3.29 -33.19
C ARG A 63 11.82 -2.10 -33.58
N TRP A 64 13.12 -2.34 -33.70
CA TRP A 64 14.04 -1.30 -34.19
C TRP A 64 15.27 -1.88 -34.91
N ASN A 65 16.02 -1.04 -35.64
CA ASN A 65 17.25 -1.47 -36.33
C ASN A 65 18.52 -1.00 -35.62
N PRO A 66 19.30 -1.95 -35.08
CA PRO A 66 20.49 -1.65 -34.28
C PRO A 66 21.48 -0.76 -35.02
N THR A 67 21.56 -0.95 -36.32
CA THR A 67 22.42 -0.12 -37.16
C THR A 67 22.06 1.35 -37.11
N ASP A 68 20.80 1.68 -36.88
CA ASP A 68 20.41 3.09 -36.95
C ASP A 68 21.07 3.87 -35.84
N PHE A 69 20.83 3.53 -34.57
CA PHE A 69 21.54 4.28 -33.56
C PHE A 69 22.16 3.46 -32.44
N GLY A 70 23.45 3.68 -32.24
CA GLY A 70 24.22 3.06 -31.21
C GLY A 70 24.55 1.61 -31.38
N ASN A 71 23.94 0.94 -32.35
CA ASN A 71 24.19 -0.48 -32.52
C ASN A 71 23.83 -1.21 -31.20
N ILE A 72 22.64 -0.84 -30.69
CA ILE A 72 22.02 -1.41 -29.50
C ILE A 72 20.96 -2.45 -29.82
N THR A 73 21.36 -3.69 -29.61
CA THR A 73 20.56 -4.87 -29.91
C THR A 73 19.41 -5.08 -28.93
N SER A 74 19.70 -4.80 -27.66
CA SER A 74 18.79 -4.98 -26.55
C SER A 74 18.96 -3.97 -25.41
N LEU A 75 17.87 -3.39 -24.91
CA LEU A 75 17.98 -2.53 -23.72
C LEU A 75 16.99 -2.96 -22.58
N ARG A 76 17.27 -2.57 -21.33
CA ARG A 76 16.34 -2.89 -20.23
C ARG A 76 15.44 -1.75 -19.81
N VAL A 77 14.17 -1.98 -20.12
CA VAL A 77 13.12 -1.02 -19.94
C VAL A 77 12.10 -1.48 -18.89
N PRO A 78 11.41 -0.52 -18.29
CA PRO A 78 10.36 -0.75 -17.30
C PRO A 78 9.14 -1.47 -17.82
N SER A 79 8.66 -2.48 -17.11
CA SER A 79 7.47 -3.21 -17.53
C SER A 79 6.23 -2.32 -17.45
N GLU A 80 6.35 -1.23 -16.69
CA GLU A 80 5.28 -0.25 -16.52
C GLU A 80 5.14 0.59 -17.73
N MET A 81 6.20 0.63 -18.53
CA MET A 81 6.24 1.43 -19.75
C MET A 81 5.56 0.72 -20.93
N ILE A 82 5.66 -0.62 -20.95
CA ILE A 82 5.13 -1.40 -22.07
C ILE A 82 3.83 -2.09 -21.79
N TRP A 83 3.33 -2.80 -22.80
CA TRP A 83 2.21 -3.71 -22.65
C TRP A 83 2.72 -5.02 -22.09
N ILE A 84 2.02 -5.51 -21.06
CA ILE A 84 2.31 -6.80 -20.46
C ILE A 84 0.99 -7.51 -20.35
N PRO A 85 1.00 -8.85 -20.42
CA PRO A 85 -0.23 -9.64 -20.34
C PRO A 85 -0.83 -9.60 -18.92
N ASP A 86 -2.16 -9.56 -18.79
CA ASP A 86 -2.67 -9.51 -17.44
C ASP A 86 -2.90 -10.93 -17.03
N ILE A 87 -1.88 -11.48 -16.39
CA ILE A 87 -1.88 -12.86 -15.94
C ILE A 87 -2.14 -12.91 -14.49
N VAL A 88 -3.11 -13.73 -14.12
CA VAL A 88 -3.52 -13.80 -12.75
C VAL A 88 -3.33 -15.22 -12.24
N LEU A 89 -3.24 -15.35 -10.91
CA LEU A 89 -3.26 -16.68 -10.33
C LEU A 89 -4.70 -17.02 -10.01
N TYR A 90 -5.30 -17.89 -10.80
CA TYR A 90 -6.68 -18.26 -10.58
C TYR A 90 -6.76 -18.83 -9.21
N ASN A 91 -5.69 -19.50 -8.81
CA ASN A 91 -5.86 -20.29 -7.66
C ASN A 91 -5.70 -19.36 -6.50
N ASN A 92 -6.86 -18.80 -6.19
CA ASN A 92 -7.17 -18.09 -4.98
C ASN A 92 -5.94 -17.61 -4.22
N ALA A 93 -5.27 -16.62 -4.78
CA ALA A 93 -4.23 -15.94 -4.03
C ALA A 93 -4.90 -15.38 -2.80
N ASP A 94 -4.25 -15.50 -1.63
CA ASP A 94 -4.90 -14.93 -0.47
C ASP A 94 -4.41 -13.53 -0.09
N GLY A 95 -3.27 -13.12 -0.62
CA GLY A 95 -2.96 -11.71 -0.75
C GLY A 95 -3.29 -11.06 -2.10
N GLU A 96 -2.54 -11.54 -3.11
CA GLU A 96 -2.41 -10.87 -4.42
C GLU A 96 -2.42 -11.83 -5.60
N PHE A 97 -3.15 -11.45 -6.64
CA PHE A 97 -3.32 -12.25 -7.86
C PHE A 97 -2.24 -12.14 -8.97
N ALA A 98 -1.80 -10.93 -9.28
CA ALA A 98 -0.78 -10.74 -10.32
C ALA A 98 0.61 -10.54 -9.70
N VAL A 99 1.61 -10.33 -10.54
CA VAL A 99 2.96 -10.08 -10.04
C VAL A 99 3.10 -8.60 -9.77
N THR A 100 3.20 -8.24 -8.50
CA THR A 100 3.20 -6.85 -8.08
C THR A 100 4.54 -6.15 -7.80
N HIS A 101 5.67 -6.67 -8.24
CA HIS A 101 6.91 -6.06 -7.74
C HIS A 101 7.34 -4.64 -8.21
N MET A 102 7.67 -4.42 -9.50
CA MET A 102 7.42 -5.32 -10.60
C MET A 102 8.66 -5.99 -11.12
N THR A 103 9.30 -5.36 -12.09
CA THR A 103 10.71 -5.54 -12.42
C THR A 103 10.81 -5.08 -13.85
N LYS A 104 12.03 -4.90 -14.38
CA LYS A 104 12.24 -4.44 -15.78
C LYS A 104 12.01 -5.59 -16.75
N ALA A 105 11.72 -5.25 -18.01
CA ALA A 105 11.60 -6.22 -19.09
C ALA A 105 12.81 -6.17 -19.99
N HIS A 106 13.15 -7.30 -20.58
CA HIS A 106 14.30 -7.34 -21.46
C HIS A 106 13.82 -7.34 -22.89
N LEU A 107 13.97 -6.20 -23.56
CA LEU A 107 13.45 -6.04 -24.91
C LEU A 107 14.56 -6.14 -25.93
N PHE A 108 14.30 -6.92 -26.97
CA PHE A 108 15.27 -7.16 -28.01
C PHE A 108 14.80 -6.40 -29.22
N SER A 109 15.75 -5.91 -30.01
CA SER A 109 15.50 -5.09 -31.19
C SER A 109 14.48 -5.73 -32.13
N THR A 110 14.32 -7.04 -32.01
CA THR A 110 13.33 -7.82 -32.74
C THR A 110 11.86 -7.59 -32.32
N GLY A 111 11.63 -6.94 -31.18
CA GLY A 111 10.27 -6.70 -30.70
C GLY A 111 9.87 -7.77 -29.69
N THR A 112 10.86 -8.57 -29.31
CA THR A 112 10.62 -9.69 -28.46
C THR A 112 10.81 -9.27 -27.00
N VAL A 113 9.83 -9.55 -26.15
CA VAL A 113 9.94 -9.15 -24.76
C VAL A 113 10.19 -10.34 -23.86
N HIS A 114 11.17 -10.20 -22.97
CA HIS A 114 11.41 -11.17 -21.91
C HIS A 114 11.15 -10.52 -20.58
N TRP A 115 10.10 -10.99 -19.91
CA TRP A 115 9.77 -10.54 -18.58
C TRP A 115 9.77 -11.67 -17.56
N VAL A 116 10.51 -11.50 -16.47
CA VAL A 116 10.58 -12.58 -15.48
C VAL A 116 10.47 -12.06 -14.04
N PRO A 117 9.30 -11.51 -13.68
CA PRO A 117 9.19 -10.97 -12.33
C PRO A 117 9.05 -12.04 -11.23
N PRO A 118 9.62 -11.81 -10.05
CA PRO A 118 9.47 -12.68 -8.88
C PRO A 118 8.11 -12.50 -8.24
N ALA A 119 7.66 -13.53 -7.53
CA ALA A 119 6.40 -13.46 -6.86
C ALA A 119 6.38 -14.35 -5.63
N ILE A 120 5.66 -13.91 -4.60
CA ILE A 120 5.41 -14.74 -3.44
C ILE A 120 3.91 -15.04 -3.41
N TYR A 121 3.56 -16.29 -3.70
CA TYR A 121 2.15 -16.64 -3.75
C TYR A 121 1.71 -17.50 -2.55
N LYS A 122 0.48 -17.22 -2.10
CA LYS A 122 -0.15 -18.02 -1.08
C LYS A 122 -1.37 -18.66 -1.73
N SER A 123 -1.36 -19.97 -1.89
CA SER A 123 -2.36 -20.65 -2.71
C SER A 123 -2.83 -21.89 -1.98
N SER A 124 -4.13 -22.17 -2.11
CA SER A 124 -4.77 -23.25 -1.41
C SER A 124 -4.41 -24.62 -1.99
N CYS A 125 -4.27 -25.59 -1.09
CA CYS A 125 -3.86 -26.93 -1.49
C CYS A 125 -4.77 -28.06 -0.99
N SER A 126 -4.46 -29.28 -1.41
CA SER A 126 -5.21 -30.46 -1.03
C SER A 126 -4.25 -31.48 -0.42
N ILE A 127 -4.79 -32.48 0.27
CA ILE A 127 -3.93 -33.32 1.09
C ILE A 127 -4.20 -34.81 0.93
N ASP A 128 -3.21 -35.57 0.46
CA ASP A 128 -3.43 -36.99 0.39
C ASP A 128 -3.09 -37.54 1.77
N VAL A 129 -3.78 -38.61 2.14
CA VAL A 129 -3.69 -39.19 3.47
C VAL A 129 -2.77 -40.41 3.60
N THR A 130 -2.05 -40.79 2.55
CA THR A 130 -1.38 -42.11 2.54
C THR A 130 -0.67 -42.50 3.84
N PHE A 131 0.39 -41.81 4.26
CA PHE A 131 0.97 -42.23 5.53
C PHE A 131 0.90 -41.08 6.56
N PHE A 132 1.38 -41.29 7.78
CA PHE A 132 1.43 -40.18 8.73
C PHE A 132 2.56 -39.18 8.40
N PRO A 133 3.84 -39.61 8.54
CA PRO A 133 4.90 -38.68 8.12
C PRO A 133 5.13 -38.56 6.59
N PHE A 134 5.04 -39.66 5.84
CA PHE A 134 5.40 -39.58 4.42
C PHE A 134 4.14 -39.12 3.66
N ASP A 135 3.14 -38.62 4.40
CA ASP A 135 1.91 -38.19 3.75
C ASP A 135 2.08 -37.08 2.76
N GLN A 136 1.07 -37.04 1.89
CA GLN A 136 1.13 -36.27 0.66
C GLN A 136 0.14 -35.18 0.37
N GLN A 137 0.47 -34.34 -0.61
CA GLN A 137 -0.39 -33.23 -1.00
C GLN A 137 -0.24 -32.89 -2.48
N ASN A 138 -1.36 -32.53 -3.12
CA ASN A 138 -1.37 -32.11 -4.54
C ASN A 138 -1.09 -30.64 -4.85
N CYS A 139 -1.55 -29.70 -4.03
CA CYS A 139 -1.17 -28.29 -4.22
C CYS A 139 -1.16 -27.75 -5.66
N LYS A 140 -2.32 -27.43 -6.23
CA LYS A 140 -2.36 -26.92 -7.62
C LYS A 140 -2.13 -25.40 -7.69
N MET A 141 -1.52 -24.93 -8.78
CA MET A 141 -1.44 -23.48 -9.06
C MET A 141 -1.95 -23.14 -10.44
N LYS A 142 -3.04 -22.39 -10.50
CA LYS A 142 -3.68 -22.11 -11.78
C LYS A 142 -3.47 -20.67 -12.20
N PHE A 143 -2.62 -20.48 -13.21
CA PHE A 143 -2.31 -19.17 -13.81
C PHE A 143 -3.10 -19.05 -15.11
N GLY A 144 -3.50 -17.83 -15.46
CA GLY A 144 -4.11 -17.56 -16.76
C GLY A 144 -4.32 -16.06 -16.96
N SER A 145 -4.52 -15.61 -18.19
CA SER A 145 -4.90 -14.22 -18.36
C SER A 145 -6.29 -14.02 -17.81
N TRP A 146 -6.50 -12.92 -17.13
CA TRP A 146 -7.81 -12.69 -16.56
C TRP A 146 -8.77 -12.15 -17.62
N THR A 147 -8.35 -11.15 -18.39
CA THR A 147 -9.30 -10.53 -19.30
C THR A 147 -9.16 -10.95 -20.78
N TYR A 148 -8.04 -11.53 -21.16
CA TYR A 148 -7.95 -11.86 -22.57
C TYR A 148 -8.24 -13.32 -22.84
N ASP A 149 -9.22 -13.56 -23.70
CA ASP A 149 -9.53 -14.92 -24.08
C ASP A 149 -8.66 -15.44 -25.21
N LYS A 150 -8.87 -16.71 -25.55
CA LYS A 150 -8.09 -17.47 -26.51
C LYS A 150 -8.06 -16.73 -27.87
N ALA A 151 -9.13 -15.98 -28.15
CA ALA A 151 -9.21 -15.17 -29.36
C ALA A 151 -8.21 -14.03 -29.36
N LYS A 152 -8.16 -13.32 -28.23
CA LYS A 152 -7.31 -12.16 -28.06
C LYS A 152 -5.87 -12.44 -27.59
N ILE A 153 -5.74 -13.41 -26.69
CA ILE A 153 -4.43 -13.84 -26.21
C ILE A 153 -4.48 -15.33 -26.05
N ASP A 154 -3.41 -16.00 -26.44
CA ASP A 154 -3.34 -17.40 -26.11
C ASP A 154 -1.93 -17.70 -25.71
N LEU A 155 -1.79 -18.64 -24.78
CA LEU A 155 -0.51 -18.93 -24.17
C LEU A 155 -0.01 -20.24 -24.69
N GLU A 156 1.26 -20.28 -25.04
CA GLU A 156 1.89 -21.54 -25.35
C GLU A 156 2.75 -21.84 -24.14
N GLN A 157 2.58 -23.03 -23.61
CA GLN A 157 3.21 -23.43 -22.36
C GLN A 157 4.70 -23.53 -22.59
N MET A 158 5.46 -22.92 -21.69
CA MET A 158 6.85 -22.66 -21.97
C MET A 158 7.68 -23.93 -22.04
N GLU A 159 7.06 -25.09 -22.16
CA GLU A 159 7.88 -26.23 -22.49
C GLU A 159 8.76 -26.60 -21.31
N GLN A 160 8.23 -27.45 -20.44
CA GLN A 160 8.86 -27.87 -19.19
C GLN A 160 10.38 -28.09 -19.27
N THR A 161 10.96 -27.96 -20.46
CA THR A 161 12.42 -27.95 -20.62
C THR A 161 13.04 -26.80 -19.82
N VAL A 162 12.47 -25.60 -19.89
CA VAL A 162 12.92 -24.57 -18.97
C VAL A 162 12.28 -25.00 -17.65
N ASP A 163 13.16 -25.41 -16.74
CA ASP A 163 12.81 -26.26 -15.60
C ASP A 163 11.83 -25.63 -14.62
N LEU A 164 10.80 -26.38 -14.21
CA LEU A 164 9.87 -25.91 -13.19
C LEU A 164 10.67 -25.79 -11.88
N LYS A 165 11.58 -26.76 -11.71
CA LYS A 165 12.35 -27.03 -10.48
C LYS A 165 13.79 -26.53 -10.45
N ASP A 166 14.20 -25.90 -11.54
CA ASP A 166 15.59 -25.56 -11.77
C ASP A 166 16.46 -24.90 -10.66
N TYR A 167 15.98 -23.84 -10.02
CA TYR A 167 16.76 -23.19 -8.96
C TYR A 167 16.24 -23.54 -7.57
N TRP A 168 15.26 -24.44 -7.54
CA TRP A 168 14.56 -24.77 -6.30
C TRP A 168 15.58 -25.19 -5.25
N GLU A 169 15.61 -24.42 -4.17
CA GLU A 169 16.45 -24.74 -3.02
C GLU A 169 15.61 -25.53 -2.05
N SER A 170 16.15 -26.65 -1.55
CA SER A 170 15.34 -27.57 -0.76
C SER A 170 15.13 -27.04 0.65
N GLY A 171 13.90 -26.67 0.98
CA GLY A 171 13.61 -26.30 2.35
C GLY A 171 13.31 -27.35 3.39
N GLU A 172 12.09 -27.88 3.31
CA GLU A 172 11.55 -28.87 4.26
C GLU A 172 10.85 -29.99 3.51
N TRP A 173 9.88 -29.60 2.68
CA TRP A 173 9.09 -30.53 1.88
C TRP A 173 9.72 -30.86 0.52
N ALA A 174 8.96 -31.52 -0.35
CA ALA A 174 9.56 -32.17 -1.52
C ALA A 174 9.25 -31.58 -2.89
N ILE A 175 7.99 -31.60 -3.31
CA ILE A 175 7.64 -31.26 -4.69
C ILE A 175 8.32 -32.26 -5.62
N VAL A 176 7.74 -33.45 -5.69
CA VAL A 176 8.29 -34.56 -6.46
C VAL A 176 7.80 -34.60 -7.90
N ASN A 177 6.50 -34.67 -8.11
CA ASN A 177 6.05 -34.60 -9.49
C ASN A 177 5.45 -33.24 -9.71
N ALA A 178 5.90 -32.57 -10.75
CA ALA A 178 5.42 -31.24 -11.04
C ALA A 178 5.00 -31.17 -12.50
N THR A 179 3.77 -30.74 -12.73
CA THR A 179 3.19 -30.82 -14.05
C THR A 179 2.56 -29.53 -14.56
N GLY A 180 2.94 -29.08 -15.74
CA GLY A 180 2.19 -27.98 -16.32
C GLY A 180 1.14 -28.60 -17.22
N THR A 181 -0.06 -28.04 -17.26
CA THR A 181 -1.11 -28.56 -18.15
C THR A 181 -1.96 -27.48 -18.76
N TYR A 182 -2.01 -27.46 -20.09
CA TYR A 182 -2.85 -26.51 -20.81
C TYR A 182 -4.32 -26.89 -20.66
N ASN A 183 -5.17 -25.91 -20.38
CA ASN A 183 -6.60 -26.13 -20.44
C ASN A 183 -7.35 -24.99 -21.10
N SER A 184 -8.61 -25.22 -21.41
CA SER A 184 -9.41 -24.17 -22.04
C SER A 184 -10.88 -24.35 -21.68
N LYS A 185 -11.57 -23.26 -21.39
CA LYS A 185 -12.97 -23.35 -20.97
C LYS A 185 -13.79 -22.15 -21.35
N LYS A 186 -15.11 -22.32 -21.35
CA LYS A 186 -15.98 -21.16 -21.32
C LYS A 186 -16.38 -21.14 -19.86
N TYR A 187 -16.35 -19.98 -19.24
CA TYR A 187 -16.61 -19.87 -17.81
C TYR A 187 -18.03 -19.36 -17.71
N ASP A 188 -18.80 -19.83 -16.75
CA ASP A 188 -20.20 -19.51 -16.90
C ASP A 188 -20.46 -18.16 -16.30
N CYS A 189 -20.14 -17.14 -17.09
CA CYS A 189 -20.34 -15.75 -16.76
C CYS A 189 -20.36 -15.01 -18.08
N CYS A 190 -19.33 -15.35 -18.84
CA CYS A 190 -18.74 -14.55 -19.90
C CYS A 190 -18.54 -15.36 -21.17
N ALA A 191 -18.93 -14.76 -22.29
CA ALA A 191 -19.11 -15.47 -23.53
C ALA A 191 -17.85 -16.12 -24.10
N GLU A 192 -16.68 -15.56 -23.83
CA GLU A 192 -15.50 -16.06 -24.53
C GLU A 192 -14.88 -17.30 -23.84
N ILE A 193 -13.85 -17.87 -24.46
CA ILE A 193 -13.18 -19.06 -23.89
C ILE A 193 -11.71 -18.76 -23.56
N TYR A 194 -11.34 -19.02 -22.32
CA TYR A 194 -10.07 -18.57 -21.80
C TYR A 194 -9.09 -19.66 -21.49
N PRO A 195 -7.93 -19.62 -22.14
CA PRO A 195 -6.85 -20.58 -21.89
C PRO A 195 -6.21 -20.37 -20.52
N ASP A 196 -5.68 -21.45 -19.94
CA ASP A 196 -4.86 -21.37 -18.73
C ASP A 196 -3.74 -22.40 -18.71
N VAL A 197 -2.76 -22.19 -17.85
CA VAL A 197 -1.85 -23.27 -17.54
C VAL A 197 -1.90 -23.53 -16.05
N THR A 198 -2.44 -24.68 -15.67
CA THR A 198 -2.51 -25.08 -14.27
C THR A 198 -1.35 -25.98 -13.92
N TYR A 199 -0.81 -25.84 -12.71
CA TYR A 199 0.31 -26.64 -12.29
C TYR A 199 -0.02 -27.59 -11.17
N ALA A 200 0.45 -28.83 -11.32
CA ALA A 200 0.25 -29.84 -10.28
C ALA A 200 1.58 -30.17 -9.62
N PHE A 201 1.64 -30.04 -8.32
CA PHE A 201 2.86 -30.31 -7.57
C PHE A 201 2.65 -31.45 -6.63
N VAL A 202 3.72 -32.12 -6.23
CA VAL A 202 3.50 -33.13 -5.25
C VAL A 202 4.46 -32.95 -4.09
N ILE A 203 3.94 -32.82 -2.87
CA ILE A 203 4.81 -32.55 -1.73
C ILE A 203 4.64 -33.57 -0.64
N ARG A 204 5.75 -34.25 -0.43
CA ARG A 204 5.85 -35.37 0.48
C ARG A 204 6.59 -34.93 1.75
N ARG A 205 5.95 -35.08 2.92
CA ARG A 205 6.58 -34.62 4.16
C ARG A 205 7.94 -35.27 4.35
N LEU A 206 9.01 -34.48 4.25
CA LEU A 206 10.38 -35.02 4.32
C LEU A 206 10.99 -35.08 5.74
N PRO A 207 11.27 -36.30 6.25
CA PRO A 207 11.79 -36.44 7.62
C PRO A 207 13.28 -36.08 7.76
N HIS A 208 13.64 -35.06 8.36
N GLU B 1 -5.90 0.20 -39.48
CA GLU B 1 -5.32 -0.94 -38.76
C GLU B 1 -5.00 -0.58 -37.32
N ASP B 2 -5.63 0.45 -36.80
CA ASP B 2 -5.32 0.86 -35.45
C ASP B 2 -6.45 1.00 -34.47
N ARG B 3 -6.33 0.21 -33.41
CA ARG B 3 -7.14 0.35 -32.22
C ARG B 3 -6.94 1.74 -31.67
N LEU B 4 -5.74 2.32 -31.87
CA LEU B 4 -5.50 3.67 -31.37
C LEU B 4 -6.36 4.62 -32.17
N PHE B 5 -6.75 4.22 -33.37
CA PHE B 5 -7.66 5.05 -34.14
C PHE B 5 -8.93 4.94 -33.34
N LYS B 6 -9.17 3.73 -32.84
CA LYS B 6 -10.35 3.50 -32.03
C LYS B 6 -10.24 3.88 -30.56
N HIS B 7 -9.11 3.56 -29.91
CA HIS B 7 -8.88 3.94 -28.50
C HIS B 7 -8.96 5.43 -28.35
N LEU B 8 -8.19 6.08 -29.20
CA LEU B 8 -8.18 7.50 -29.22
C LEU B 8 -9.59 7.84 -29.67
N PHE B 9 -10.10 8.98 -29.23
CA PHE B 9 -11.41 9.49 -29.63
C PHE B 9 -12.56 8.85 -28.85
N ARG B 10 -12.34 7.66 -28.28
CA ARG B 10 -13.35 7.08 -27.41
C ARG B 10 -13.08 7.69 -26.05
N GLY B 11 -11.84 7.51 -25.60
CA GLY B 11 -11.42 8.05 -24.31
C GLY B 11 -11.16 9.54 -24.36
N TYR B 12 -10.84 10.05 -25.56
CA TYR B 12 -10.34 11.41 -25.76
C TYR B 12 -11.30 12.50 -25.25
N ASN B 13 -12.59 12.30 -25.49
CA ASN B 13 -13.62 13.25 -25.09
C ASN B 13 -14.19 13.04 -23.68
N ARG B 14 -13.50 12.23 -22.87
CA ARG B 14 -14.12 11.58 -21.72
C ARG B 14 -13.80 12.11 -20.32
N TRP B 15 -14.82 12.06 -19.47
CA TRP B 15 -14.70 12.26 -18.03
C TRP B 15 -15.11 10.95 -17.32
N ALA B 16 -14.23 10.39 -16.49
CA ALA B 16 -14.59 9.16 -15.76
C ALA B 16 -15.61 9.44 -14.66
N ARG B 17 -15.62 10.67 -14.17
CA ARG B 17 -16.44 11.08 -13.04
C ARG B 17 -17.96 11.10 -13.20
N PRO B 18 -18.48 11.68 -14.30
CA PRO B 18 -19.94 11.78 -14.41
C PRO B 18 -20.58 10.46 -14.82
N VAL B 19 -21.74 10.16 -14.22
CA VAL B 19 -22.43 8.91 -14.51
C VAL B 19 -22.76 8.96 -15.96
N PRO B 20 -22.55 7.83 -16.66
CA PRO B 20 -22.66 7.86 -18.12
C PRO B 20 -24.09 7.73 -18.62
N ASN B 21 -24.88 8.77 -18.41
CA ASN B 21 -26.24 8.72 -18.87
C ASN B 21 -26.81 10.05 -19.36
N THR B 22 -27.55 9.95 -20.45
CA THR B 22 -28.31 11.03 -21.04
C THR B 22 -29.60 11.29 -20.29
N SER B 23 -30.17 10.23 -19.72
CA SER B 23 -31.40 10.42 -19.00
C SER B 23 -31.19 10.44 -17.48
N ASP B 24 -31.24 9.25 -16.89
CA ASP B 24 -31.25 9.01 -15.44
C ASP B 24 -31.21 7.47 -15.27
N VAL B 25 -30.73 7.03 -14.11
CA VAL B 25 -30.65 5.61 -13.73
C VAL B 25 -29.81 4.66 -14.62
N VAL B 26 -28.50 4.67 -14.38
CA VAL B 26 -27.67 3.64 -14.97
C VAL B 26 -27.94 2.36 -14.18
N ILE B 27 -28.25 1.29 -14.89
CA ILE B 27 -28.51 0.01 -14.24
C ILE B 27 -27.34 -0.94 -14.33
N VAL B 28 -26.88 -1.41 -13.19
CA VAL B 28 -25.77 -2.35 -13.19
C VAL B 28 -26.30 -3.71 -12.88
N ARG B 29 -26.08 -4.60 -13.82
CA ARG B 29 -26.32 -6.00 -13.59
C ARG B 29 -25.16 -6.40 -12.68
N PHE B 30 -25.47 -6.99 -11.54
CA PHE B 30 -24.47 -7.24 -10.51
C PHE B 30 -24.45 -8.69 -10.04
N GLY B 31 -23.31 -9.37 -10.10
CA GLY B 31 -23.28 -10.75 -9.68
C GLY B 31 -21.99 -11.32 -9.15
N LEU B 32 -22.14 -12.28 -8.24
CA LEU B 32 -21.02 -12.94 -7.58
C LEU B 32 -20.80 -14.35 -8.10
N SER B 33 -19.55 -14.68 -8.38
CA SER B 33 -19.13 -16.05 -8.65
C SER B 33 -18.15 -16.36 -7.52
N ILE B 34 -18.11 -17.59 -7.03
CA ILE B 34 -17.19 -17.90 -5.90
C ILE B 34 -16.06 -18.84 -6.27
N ALA B 35 -14.83 -18.34 -6.20
CA ALA B 35 -13.73 -19.17 -6.62
C ALA B 35 -13.26 -20.03 -5.51
N GLN B 36 -13.19 -19.43 -4.31
CA GLN B 36 -12.77 -20.15 -3.12
C GLN B 36 -13.27 -19.51 -1.87
N LEU B 37 -13.53 -20.37 -0.89
CA LEU B 37 -13.76 -19.94 0.47
C LEU B 37 -12.46 -20.11 1.21
N ILE B 38 -11.78 -19.02 1.50
CA ILE B 38 -10.42 -19.15 1.99
C ILE B 38 -10.45 -19.57 3.44
N ASP B 39 -11.20 -18.84 4.26
CA ASP B 39 -11.17 -19.11 5.68
C ASP B 39 -12.35 -18.53 6.48
N VAL B 40 -12.65 -19.18 7.60
CA VAL B 40 -13.62 -18.70 8.54
C VAL B 40 -13.10 -18.61 9.94
N ASP B 41 -12.96 -17.39 10.46
CA ASP B 41 -12.48 -17.20 11.83
C ASP B 41 -13.53 -16.76 12.83
N GLU B 42 -13.41 -17.33 14.01
CA GLU B 42 -12.45 -18.39 14.21
C GLU B 42 -13.08 -19.50 15.04
N LYS B 43 -13.56 -19.23 16.27
CA LYS B 43 -13.32 -18.03 17.11
C LYS B 43 -13.39 -16.64 16.48
N ASN B 44 -12.36 -15.83 16.69
CA ASN B 44 -12.31 -14.46 16.13
C ASN B 44 -11.84 -14.25 14.69
N GLN B 45 -12.39 -13.22 14.05
CA GLN B 45 -13.76 -12.77 14.23
C GLN B 45 -14.67 -12.82 12.95
N MET B 46 -14.12 -13.35 11.87
CA MET B 46 -14.60 -13.11 10.49
C MET B 46 -14.55 -14.23 9.42
N MET B 47 -15.06 -13.94 8.23
CA MET B 47 -14.93 -14.91 7.12
C MET B 47 -14.14 -14.36 5.94
N THR B 48 -13.35 -15.22 5.31
CA THR B 48 -12.56 -14.83 4.13
C THR B 48 -12.92 -15.52 2.82
N THR B 49 -13.17 -14.70 1.81
CA THR B 49 -13.61 -15.19 0.50
C THR B 49 -12.80 -14.75 -0.72
N ASN B 50 -12.76 -15.61 -1.73
CA ASN B 50 -12.20 -15.20 -3.00
C ASN B 50 -13.28 -15.09 -4.05
N VAL B 51 -13.58 -13.86 -4.43
CA VAL B 51 -14.72 -13.61 -5.28
C VAL B 51 -14.44 -12.85 -6.57
N TRP B 52 -15.39 -12.99 -7.50
CA TRP B 52 -15.40 -12.25 -8.73
C TRP B 52 -16.66 -11.39 -8.74
N LEU B 53 -16.52 -10.08 -8.83
CA LEU B 53 -17.73 -9.27 -8.90
C LEU B 53 -18.10 -9.05 -10.33
N LYS B 54 -19.06 -9.82 -10.81
CA LYS B 54 -19.50 -9.66 -12.18
C LYS B 54 -20.33 -8.40 -12.28
N GLN B 55 -19.93 -7.49 -13.15
CA GLN B 55 -20.67 -6.26 -13.32
C GLN B 55 -20.91 -5.93 -14.76
N GLU B 56 -22.10 -5.45 -15.08
CA GLU B 56 -22.36 -4.91 -16.40
C GLU B 56 -23.36 -3.74 -16.39
N TRP B 57 -22.98 -2.68 -17.10
CA TRP B 57 -23.79 -1.47 -17.24
C TRP B 57 -23.55 -0.90 -18.61
N SER B 58 -24.25 0.19 -18.94
CA SER B 58 -24.10 0.81 -20.26
C SER B 58 -23.52 2.22 -20.21
N ASP B 59 -22.38 2.43 -20.85
CA ASP B 59 -21.92 3.80 -21.03
C ASP B 59 -22.10 4.13 -22.50
N TYR B 60 -23.07 5.00 -22.79
CA TYR B 60 -23.44 5.36 -24.16
C TYR B 60 -22.30 6.07 -24.89
N LYS B 61 -21.53 6.85 -24.15
CA LYS B 61 -20.43 7.58 -24.75
C LYS B 61 -19.34 6.60 -25.20
N LEU B 62 -19.47 5.34 -24.86
CA LEU B 62 -18.44 4.40 -25.22
C LEU B 62 -18.82 3.73 -26.55
N ARG B 63 -19.87 4.27 -27.17
CA ARG B 63 -20.37 3.75 -28.43
C ARG B 63 -19.54 4.20 -29.60
N TRP B 64 -19.36 3.29 -30.53
CA TRP B 64 -18.70 3.54 -31.79
C TRP B 64 -19.32 2.62 -32.83
N ASN B 65 -19.07 2.88 -34.12
CA ASN B 65 -19.58 2.00 -35.16
C ASN B 65 -18.51 1.10 -35.74
N PRO B 66 -18.64 -0.21 -35.49
CA PRO B 66 -17.78 -1.38 -35.69
C PRO B 66 -17.23 -1.49 -37.08
N THR B 67 -17.94 -0.95 -38.07
CA THR B 67 -17.48 -0.92 -39.47
C THR B 67 -16.11 -0.21 -39.62
N ASP B 68 -15.84 0.68 -38.68
CA ASP B 68 -14.58 1.43 -38.59
C ASP B 68 -13.54 0.49 -37.93
N PHE B 69 -14.00 -0.73 -37.66
CA PHE B 69 -13.23 -1.84 -37.07
C PHE B 69 -13.46 -3.03 -38.00
N GLY B 70 -12.71 -4.12 -37.88
CA GLY B 70 -12.91 -5.20 -38.83
C GLY B 70 -14.27 -5.90 -38.80
N ASN B 71 -14.56 -6.71 -37.79
CA ASN B 71 -15.88 -7.36 -37.71
C ASN B 71 -16.47 -7.34 -36.29
N ILE B 72 -15.88 -8.13 -35.38
CA ILE B 72 -16.35 -8.20 -34.00
C ILE B 72 -15.55 -7.20 -33.20
N THR B 73 -16.19 -6.12 -32.82
CA THR B 73 -15.46 -5.02 -32.23
C THR B 73 -15.89 -4.78 -30.79
N SER B 74 -14.95 -5.14 -29.94
CA SER B 74 -14.98 -4.91 -28.52
C SER B 74 -13.54 -5.11 -28.17
N LEU B 75 -12.99 -4.20 -27.40
CA LEU B 75 -11.62 -4.30 -26.97
C LEU B 75 -11.59 -4.20 -25.46
N ARG B 76 -10.45 -4.56 -24.86
CA ARG B 76 -10.36 -4.55 -23.41
C ARG B 76 -9.71 -3.24 -22.95
N VAL B 77 -10.43 -2.47 -22.16
CA VAL B 77 -9.92 -1.19 -21.72
C VAL B 77 -9.64 -1.12 -20.22
N PRO B 78 -8.75 -0.21 -19.84
CA PRO B 78 -8.44 -0.04 -18.42
C PRO B 78 -9.65 0.39 -17.61
N SER B 79 -9.88 -0.29 -16.50
CA SER B 79 -11.01 0.09 -15.66
C SER B 79 -10.74 1.46 -15.02
N GLU B 80 -9.47 1.84 -15.02
CA GLU B 80 -9.07 3.12 -14.46
C GLU B 80 -9.53 4.28 -15.31
N MET B 81 -9.70 4.01 -16.60
CA MET B 81 -10.02 4.99 -17.64
C MET B 81 -11.52 5.31 -17.74
N ILE B 82 -12.35 4.35 -17.38
CA ILE B 82 -13.79 4.56 -17.48
C ILE B 82 -14.41 4.88 -16.10
N TRP B 83 -15.70 5.17 -16.13
CA TRP B 83 -16.52 5.29 -14.95
C TRP B 83 -16.82 3.88 -14.57
N ILE B 84 -16.65 3.57 -13.29
CA ILE B 84 -17.05 2.27 -12.79
C ILE B 84 -17.79 2.47 -11.49
N PRO B 85 -18.74 1.59 -11.21
CA PRO B 85 -19.53 1.76 -9.99
C PRO B 85 -18.68 1.60 -8.72
N ASP B 86 -19.07 2.38 -7.72
CA ASP B 86 -18.38 2.48 -6.46
C ASP B 86 -18.88 1.41 -5.46
N ILE B 87 -19.38 0.28 -5.97
CA ILE B 87 -19.83 -0.78 -5.10
C ILE B 87 -18.77 -1.21 -4.09
N VAL B 88 -19.16 -1.16 -2.81
CA VAL B 88 -18.30 -1.52 -1.67
C VAL B 88 -18.95 -2.65 -0.88
N LEU B 89 -18.15 -3.35 -0.09
CA LEU B 89 -18.70 -4.33 0.83
C LEU B 89 -19.01 -3.58 2.12
N TYR B 90 -20.29 -3.47 2.42
CA TYR B 90 -20.73 -2.69 3.56
C TYR B 90 -20.13 -3.12 4.86
N ASN B 91 -20.06 -4.42 5.10
CA ASN B 91 -19.65 -4.81 6.43
C ASN B 91 -18.11 -4.85 6.58
N ASN B 92 -17.44 -5.45 5.59
CA ASN B 92 -15.98 -5.59 5.50
C ASN B 92 -15.52 -6.16 6.86
N ALA B 93 -14.24 -6.09 7.24
CA ALA B 93 -13.87 -6.26 8.64
C ALA B 93 -12.56 -5.57 8.99
N ASP B 94 -11.50 -6.37 8.88
CA ASP B 94 -10.08 -5.98 8.87
C ASP B 94 -9.53 -6.04 7.44
N GLY B 95 -10.41 -6.36 6.50
CA GLY B 95 -10.09 -6.28 5.10
C GLY B 95 -10.39 -4.97 4.38
N GLU B 96 -10.81 -5.09 3.12
CA GLU B 96 -10.86 -3.92 2.27
C GLU B 96 -12.17 -3.69 1.56
N PHE B 97 -12.52 -2.41 1.53
CA PHE B 97 -13.69 -1.98 0.83
C PHE B 97 -13.33 -1.99 -0.66
N ALA B 98 -14.36 -2.12 -1.48
CA ALA B 98 -14.26 -2.17 -2.91
C ALA B 98 -13.24 -3.14 -3.54
N VAL B 99 -13.08 -2.95 -4.86
CA VAL B 99 -12.24 -3.75 -5.73
C VAL B 99 -10.89 -3.10 -5.79
N THR B 100 -9.89 -3.77 -5.24
CA THR B 100 -8.62 -3.10 -5.13
C THR B 100 -7.65 -3.58 -6.18
N HIS B 101 -8.09 -4.28 -7.24
CA HIS B 101 -7.04 -4.86 -8.10
C HIS B 101 -6.34 -3.79 -8.98
N MET B 102 -6.96 -3.22 -10.03
CA MET B 102 -8.21 -3.65 -10.62
C MET B 102 -8.02 -3.92 -12.11
N THR B 103 -8.63 -4.99 -12.60
CA THR B 103 -8.47 -5.40 -13.97
C THR B 103 -9.26 -4.63 -15.01
N LYS B 104 -9.04 -5.03 -16.26
CA LYS B 104 -9.62 -4.36 -17.42
C LYS B 104 -11.12 -4.60 -17.53
N ALA B 105 -11.81 -3.70 -18.24
CA ALA B 105 -13.23 -3.85 -18.53
C ALA B 105 -13.34 -4.28 -19.97
N HIS B 106 -14.40 -5.00 -20.31
CA HIS B 106 -14.63 -5.44 -21.69
C HIS B 106 -15.62 -4.54 -22.36
N LEU B 107 -15.18 -3.70 -23.29
CA LEU B 107 -16.09 -2.71 -23.82
C LEU B 107 -16.65 -3.09 -25.16
N PHE B 108 -17.94 -2.90 -25.30
CA PHE B 108 -18.61 -3.27 -26.53
C PHE B 108 -19.04 -2.04 -27.28
N SER B 109 -19.03 -2.15 -28.61
CA SER B 109 -19.42 -1.06 -29.50
C SER B 109 -20.77 -0.53 -29.09
N THR B 110 -21.52 -1.41 -28.42
CA THR B 110 -22.82 -1.15 -27.89
C THR B 110 -22.82 -0.17 -26.73
N GLY B 111 -21.64 0.05 -26.16
CA GLY B 111 -21.51 0.93 -25.03
C GLY B 111 -21.64 0.12 -23.75
N THR B 112 -21.73 -1.19 -23.92
CA THR B 112 -21.96 -2.08 -22.80
C THR B 112 -20.63 -2.64 -22.32
N VAL B 113 -20.41 -2.52 -21.01
CA VAL B 113 -19.17 -2.95 -20.35
C VAL B 113 -19.33 -4.20 -19.53
N HIS B 114 -18.36 -5.09 -19.64
CA HIS B 114 -18.27 -6.22 -18.73
C HIS B 114 -17.03 -6.08 -17.86
N TRP B 115 -17.23 -5.81 -16.58
CA TRP B 115 -16.11 -5.79 -15.64
C TRP B 115 -16.26 -6.88 -14.59
N VAL B 116 -15.26 -7.72 -14.46
CA VAL B 116 -15.38 -8.82 -13.49
C VAL B 116 -14.10 -9.05 -12.68
N PRO B 117 -13.78 -8.07 -11.83
CA PRO B 117 -12.52 -8.12 -11.12
C PRO B 117 -12.56 -9.19 -10.04
N PRO B 118 -11.41 -9.78 -9.75
CA PRO B 118 -11.26 -10.71 -8.64
C PRO B 118 -11.21 -9.95 -7.31
N ALA B 119 -11.55 -10.60 -6.21
CA ALA B 119 -11.52 -9.89 -4.95
C ALA B 119 -11.24 -10.81 -3.80
N ILE B 120 -10.48 -10.31 -2.83
CA ILE B 120 -10.33 -11.09 -1.63
C ILE B 120 -10.95 -10.37 -0.48
N TYR B 121 -12.09 -10.86 -0.05
CA TYR B 121 -12.81 -10.17 0.98
C TYR B 121 -12.69 -10.84 2.35
N LYS B 122 -12.51 -10.01 3.38
CA LYS B 122 -12.54 -10.44 4.77
C LYS B 122 -13.71 -9.76 5.46
N SER B 123 -14.75 -10.55 5.75
CA SER B 123 -16.02 -10.01 6.25
C SER B 123 -16.71 -10.90 7.30
N SER B 124 -17.09 -10.41 8.47
CA SER B 124 -17.93 -11.30 9.28
C SER B 124 -19.17 -10.49 9.16
N CYS B 125 -20.34 -11.10 8.98
CA CYS B 125 -20.82 -12.41 9.51
C CYS B 125 -20.97 -12.49 11.04
N SER B 126 -20.77 -13.69 11.59
CA SER B 126 -20.86 -13.89 13.05
C SER B 126 -20.09 -15.13 13.49
N ILE B 127 -19.43 -15.00 14.63
CA ILE B 127 -18.38 -15.92 15.04
C ILE B 127 -18.66 -17.43 14.91
N ASP B 128 -19.93 -17.83 14.96
CA ASP B 128 -20.32 -19.24 14.80
C ASP B 128 -19.96 -20.23 16.01
N VAL B 129 -19.42 -21.40 15.69
CA VAL B 129 -19.10 -22.49 16.61
C VAL B 129 -20.21 -22.71 17.61
N THR B 130 -19.74 -22.96 18.85
CA THR B 130 -20.52 -23.39 20.01
C THR B 130 -20.82 -24.87 19.98
N PHE B 131 -20.67 -25.51 18.82
CA PHE B 131 -20.87 -26.94 18.79
C PHE B 131 -19.63 -27.65 18.31
N PHE B 132 -19.79 -28.96 18.19
CA PHE B 132 -18.76 -29.86 17.71
C PHE B 132 -18.77 -29.71 16.19
N PRO B 133 -18.22 -30.67 15.43
CA PRO B 133 -18.13 -30.48 13.97
C PRO B 133 -19.40 -30.03 13.28
N PHE B 134 -20.52 -30.28 13.93
CA PHE B 134 -21.82 -30.02 13.35
C PHE B 134 -22.36 -28.61 13.57
N ASP B 135 -21.49 -27.66 13.89
CA ASP B 135 -21.91 -26.27 14.00
C ASP B 135 -22.00 -25.65 12.61
N GLN B 136 -23.06 -24.87 12.43
CA GLN B 136 -23.39 -24.18 11.19
C GLN B 136 -23.41 -22.67 11.44
N GLN B 137 -23.40 -21.92 10.37
CA GLN B 137 -23.15 -20.50 10.40
C GLN B 137 -23.82 -19.67 9.30
N ASN B 138 -24.27 -18.47 9.64
CA ASN B 138 -24.82 -17.63 8.61
C ASN B 138 -23.92 -16.43 8.44
N CYS B 139 -23.23 -16.41 7.31
CA CYS B 139 -22.33 -15.33 6.94
C CYS B 139 -22.86 -14.52 5.75
N LYS B 140 -23.30 -13.29 6.01
CA LYS B 140 -23.82 -12.44 4.94
C LYS B 140 -22.76 -11.50 4.33
N MET B 141 -22.93 -11.23 3.04
CA MET B 141 -22.15 -10.24 2.32
C MET B 141 -23.06 -9.18 1.67
N LYS B 142 -22.94 -7.93 2.09
CA LYS B 142 -23.81 -6.86 1.64
C LYS B 142 -23.07 -5.94 0.69
N PHE B 143 -23.39 -6.05 -0.59
CA PHE B 143 -22.80 -5.18 -1.60
C PHE B 143 -23.80 -4.09 -1.98
N GLY B 144 -23.28 -2.90 -2.29
CA GLY B 144 -24.10 -1.82 -2.81
C GLY B 144 -23.31 -0.58 -3.18
N SER B 145 -23.91 0.31 -3.95
CA SER B 145 -23.27 1.60 -4.22
C SER B 145 -23.10 2.35 -2.90
N TRP B 146 -21.98 3.01 -2.72
CA TRP B 146 -21.87 3.76 -1.48
C TRP B 146 -22.51 5.15 -1.59
N THR B 147 -22.21 5.87 -2.67
CA THR B 147 -22.67 7.26 -2.77
C THR B 147 -23.87 7.52 -3.70
N TYR B 148 -24.12 6.57 -4.59
CA TYR B 148 -25.19 6.68 -5.58
C TYR B 148 -26.47 5.99 -5.13
N ASP B 149 -27.57 6.74 -5.05
CA ASP B 149 -28.83 6.12 -4.67
C ASP B 149 -29.54 5.59 -5.91
N LYS B 150 -30.67 4.93 -5.67
CA LYS B 150 -31.48 4.27 -6.66
C LYS B 150 -31.96 5.21 -7.75
N ALA B 151 -32.13 6.49 -7.40
CA ALA B 151 -32.53 7.45 -8.42
C ALA B 151 -31.41 7.59 -9.45
N LYS B 152 -30.18 7.72 -8.97
CA LYS B 152 -29.01 7.89 -9.84
C LYS B 152 -28.41 6.55 -10.35
N ILE B 153 -28.33 5.52 -9.52
CA ILE B 153 -27.89 4.19 -9.96
C ILE B 153 -28.66 3.08 -9.25
N ASP B 154 -28.95 2.01 -9.96
CA ASP B 154 -29.67 0.90 -9.33
C ASP B 154 -29.21 -0.48 -9.79
N LEU B 155 -29.47 -1.49 -8.94
CA LEU B 155 -28.95 -2.83 -9.19
C LEU B 155 -29.98 -3.87 -9.63
N GLU B 156 -29.67 -4.55 -10.72
CA GLU B 156 -30.46 -5.68 -11.16
C GLU B 156 -29.62 -6.88 -10.87
N GLN B 157 -30.15 -7.82 -10.12
CA GLN B 157 -29.34 -8.94 -9.72
C GLN B 157 -29.20 -9.86 -10.91
N MET B 158 -27.97 -10.16 -11.30
CA MET B 158 -27.78 -11.09 -12.39
C MET B 158 -28.39 -12.43 -12.03
N GLU B 159 -28.95 -13.07 -13.03
CA GLU B 159 -29.54 -14.39 -12.86
C GLU B 159 -28.54 -15.31 -12.16
N GLN B 160 -29.01 -16.11 -11.19
CA GLN B 160 -28.08 -17.01 -10.52
C GLN B 160 -27.87 -18.20 -11.47
N THR B 161 -28.44 -18.06 -12.67
CA THR B 161 -28.20 -18.99 -13.77
C THR B 161 -26.74 -18.98 -14.21
N VAL B 162 -26.20 -17.78 -14.40
CA VAL B 162 -24.77 -17.61 -14.64
C VAL B 162 -24.11 -17.84 -13.29
N ASP B 163 -23.30 -18.89 -13.24
CA ASP B 163 -22.99 -19.59 -12.00
C ASP B 163 -22.31 -18.86 -10.84
N LEU B 164 -22.94 -18.96 -9.65
CA LEU B 164 -22.30 -18.57 -8.41
C LEU B 164 -21.17 -19.54 -8.02
N LYS B 165 -21.44 -20.84 -8.08
CA LYS B 165 -20.55 -21.89 -7.51
C LYS B 165 -19.65 -22.81 -8.38
N ASP B 166 -19.72 -22.72 -9.70
CA ASP B 166 -19.12 -23.71 -10.61
C ASP B 166 -17.63 -23.92 -10.36
N TYR B 167 -16.93 -22.83 -10.08
CA TYR B 167 -15.49 -22.83 -9.88
C TYR B 167 -15.15 -22.97 -8.44
N TRP B 168 -16.08 -23.57 -7.72
CA TRP B 168 -15.90 -23.69 -6.30
C TRP B 168 -14.90 -24.80 -6.08
N GLU B 169 -13.79 -24.36 -5.51
CA GLU B 169 -12.65 -25.17 -5.17
C GLU B 169 -12.83 -25.72 -3.77
N SER B 170 -12.47 -26.98 -3.55
CA SER B 170 -12.78 -27.64 -2.28
C SER B 170 -12.04 -26.96 -1.15
N GLY B 171 -10.74 -26.83 -1.28
CA GLY B 171 -10.00 -26.07 -0.28
C GLY B 171 -10.05 -26.76 1.06
N GLU B 172 -10.69 -26.11 2.03
CA GLU B 172 -10.76 -26.65 3.37
C GLU B 172 -12.15 -27.21 3.64
N TRP B 173 -13.17 -26.37 3.81
CA TRP B 173 -14.49 -26.93 4.02
C TRP B 173 -15.73 -26.04 3.88
N ALA B 174 -16.85 -26.74 3.77
CA ALA B 174 -18.19 -26.17 3.56
C ALA B 174 -18.57 -25.37 2.32
N ILE B 175 -19.33 -24.30 2.62
CA ILE B 175 -20.03 -23.43 1.68
C ILE B 175 -20.99 -24.26 0.82
N VAL B 176 -22.03 -24.80 1.46
CA VAL B 176 -23.05 -25.63 0.79
C VAL B 176 -24.34 -24.95 0.29
N ASN B 177 -24.64 -23.73 0.73
CA ASN B 177 -25.79 -23.01 0.15
C ASN B 177 -25.64 -21.49 0.19
N ALA B 178 -25.98 -20.86 -0.94
CA ALA B 178 -25.88 -19.41 -1.13
C ALA B 178 -27.14 -18.79 -1.73
N THR B 179 -27.54 -17.61 -1.24
CA THR B 179 -28.72 -16.94 -1.76
C THR B 179 -28.45 -15.46 -1.94
N GLY B 180 -28.74 -14.91 -3.12
CA GLY B 180 -28.69 -13.47 -3.26
C GLY B 180 -30.08 -12.90 -3.03
N THR B 181 -30.15 -11.73 -2.40
CA THR B 181 -31.43 -11.03 -2.20
C THR B 181 -31.31 -9.51 -2.29
N TYR B 182 -32.12 -8.90 -3.15
CA TYR B 182 -32.18 -7.45 -3.30
C TYR B 182 -32.94 -6.71 -2.18
N ASN B 183 -32.32 -5.65 -1.67
CA ASN B 183 -32.93 -4.72 -0.73
C ASN B 183 -32.77 -3.27 -1.15
N SER B 184 -33.54 -2.41 -0.50
CA SER B 184 -33.51 -0.96 -0.72
C SER B 184 -33.89 -0.30 0.60
N LYS B 185 -33.20 0.77 0.99
CA LYS B 185 -33.43 1.34 2.33
C LYS B 185 -33.18 2.85 2.39
N LYS B 186 -33.74 3.49 3.41
CA LYS B 186 -33.31 4.83 3.80
C LYS B 186 -32.43 4.82 5.04
N TYR B 187 -31.32 5.52 4.99
CA TYR B 187 -30.43 5.58 6.13
C TYR B 187 -30.53 6.97 6.73
N ASP B 188 -30.44 7.06 8.06
CA ASP B 188 -30.71 8.34 8.72
C ASP B 188 -29.59 9.33 8.45
N CYS B 189 -28.59 8.88 7.70
CA CYS B 189 -27.44 9.70 7.38
C CYS B 189 -27.74 10.52 6.17
N CYS B 190 -28.50 9.90 5.28
CA CYS B 190 -28.57 10.32 3.91
C CYS B 190 -30.00 10.27 3.37
N ALA B 191 -30.43 11.39 2.79
CA ALA B 191 -31.84 11.66 2.54
C ALA B 191 -32.50 10.71 1.54
N GLU B 192 -31.70 10.18 0.62
CA GLU B 192 -32.16 9.34 -0.51
C GLU B 192 -32.24 7.87 -0.09
N ILE B 193 -32.54 7.00 -1.04
CA ILE B 193 -32.67 5.56 -0.78
C ILE B 193 -31.61 4.66 -1.44
N TYR B 194 -30.89 3.87 -0.65
CA TYR B 194 -29.80 3.10 -1.23
C TYR B 194 -30.04 1.59 -1.20
N PRO B 195 -30.23 1.02 -2.40
CA PRO B 195 -30.44 -0.40 -2.71
C PRO B 195 -29.18 -1.22 -2.56
N ASP B 196 -29.34 -2.47 -2.14
CA ASP B 196 -28.20 -3.37 -2.02
C ASP B 196 -28.59 -4.77 -2.44
N VAL B 197 -27.57 -5.58 -2.64
CA VAL B 197 -27.79 -7.00 -2.78
C VAL B 197 -26.95 -7.67 -1.74
N THR B 198 -27.62 -8.29 -0.77
CA THR B 198 -26.94 -9.07 0.26
C THR B 198 -26.95 -10.56 -0.07
N TYR B 199 -25.84 -11.25 0.24
CA TYR B 199 -25.76 -12.67 0.00
C TYR B 199 -25.68 -13.44 1.31
N ALA B 200 -26.48 -14.47 1.48
CA ALA B 200 -26.48 -15.24 2.71
C ALA B 200 -25.87 -16.60 2.44
N PHE B 201 -24.92 -17.00 3.27
CA PHE B 201 -24.22 -18.27 3.07
C PHE B 201 -24.42 -19.29 4.20
N VAL B 202 -24.30 -20.57 3.87
CA VAL B 202 -24.25 -21.58 4.92
C VAL B 202 -23.05 -22.49 4.69
N ILE B 203 -22.19 -22.65 5.70
CA ILE B 203 -20.99 -23.48 5.53
C ILE B 203 -20.80 -24.56 6.61
N ARG B 204 -20.93 -25.81 6.22
CA ARG B 204 -20.81 -26.91 7.15
C ARG B 204 -19.43 -27.51 7.06
N ARG B 205 -18.78 -27.62 8.22
CA ARG B 205 -17.43 -28.11 8.31
C ARG B 205 -17.42 -29.40 7.52
N LEU B 206 -16.66 -29.39 6.43
CA LEU B 206 -16.68 -30.47 5.46
C LEU B 206 -16.33 -31.78 6.15
N PRO B 207 -17.10 -32.83 5.87
CA PRO B 207 -16.93 -34.08 6.59
C PRO B 207 -15.66 -34.80 6.16
N HIS B 208 -14.70 -34.90 6.94
N GLU C 1 -23.85 23.70 -20.94
CA GLU C 1 -24.94 22.87 -20.45
C GLU C 1 -24.71 21.38 -20.75
N ASP C 2 -23.44 20.96 -20.72
CA ASP C 2 -23.05 19.59 -21.01
C ASP C 2 -22.68 19.05 -19.65
N ARG C 3 -23.26 17.92 -19.29
CA ARG C 3 -23.00 17.33 -18.00
C ARG C 3 -21.54 17.13 -17.55
N LEU C 4 -20.67 16.79 -18.48
CA LEU C 4 -19.28 16.71 -18.12
C LEU C 4 -18.77 18.14 -18.24
N PHE C 5 -19.54 18.98 -18.94
CA PHE C 5 -19.16 20.38 -19.13
C PHE C 5 -19.23 21.20 -17.84
N LYS C 6 -20.12 20.82 -16.94
CA LYS C 6 -20.29 21.54 -15.70
C LYS C 6 -19.14 21.33 -14.76
N HIS C 7 -18.60 20.11 -14.80
CA HIS C 7 -17.44 19.74 -14.03
C HIS C 7 -16.39 20.76 -14.40
N LEU C 8 -16.27 20.99 -15.70
CA LEU C 8 -15.25 21.87 -16.25
C LEU C 8 -15.37 23.24 -15.63
N PHE C 9 -16.57 23.61 -15.21
CA PHE C 9 -16.79 24.92 -14.64
C PHE C 9 -16.38 25.05 -13.18
N ARG C 10 -16.58 24.01 -12.38
CA ARG C 10 -16.18 24.08 -10.99
C ARG C 10 -14.72 23.75 -10.71
N GLY C 11 -14.24 22.68 -11.33
CA GLY C 11 -12.92 22.18 -11.03
C GLY C 11 -11.77 23.02 -11.56
N TYR C 12 -12.04 23.76 -12.63
CA TYR C 12 -11.00 24.41 -13.40
C TYR C 12 -10.16 25.42 -12.59
N ASN C 13 -10.83 26.28 -11.83
CA ASN C 13 -10.15 27.30 -11.04
C ASN C 13 -9.84 26.85 -9.61
N ARG C 14 -9.94 25.56 -9.33
CA ARG C 14 -9.93 25.19 -7.93
C ARG C 14 -8.63 24.63 -7.41
N TRP C 15 -8.33 24.97 -6.16
CA TRP C 15 -7.27 24.37 -5.36
C TRP C 15 -7.89 23.59 -4.18
N ALA C 16 -7.58 22.30 -4.06
CA ALA C 16 -8.00 21.46 -2.94
C ALA C 16 -7.22 21.90 -1.67
N ARG C 17 -6.07 22.54 -1.88
CA ARG C 17 -5.19 22.99 -0.82
C ARG C 17 -5.78 24.01 0.18
N PRO C 18 -6.43 25.07 -0.32
CA PRO C 18 -7.00 26.17 0.47
C PRO C 18 -8.36 25.88 1.08
N VAL C 19 -8.59 26.41 2.28
CA VAL C 19 -9.86 26.23 2.95
C VAL C 19 -10.93 26.95 2.09
N PRO C 20 -12.08 26.31 1.87
CA PRO C 20 -13.01 26.89 0.91
C PRO C 20 -13.93 27.96 1.53
N ASN C 21 -13.41 29.14 1.83
CA ASN C 21 -14.30 30.16 2.38
C ASN C 21 -14.11 31.59 1.87
N THR C 22 -12.87 32.09 1.96
CA THR C 22 -12.45 33.46 1.62
C THR C 22 -12.51 34.38 2.83
N SER C 23 -12.98 33.84 3.96
CA SER C 23 -13.01 34.62 5.19
C SER C 23 -12.31 33.89 6.34
N ASP C 24 -13.10 33.22 7.18
CA ASP C 24 -12.64 32.55 8.40
C ASP C 24 -13.58 31.45 8.89
N VAL C 25 -13.04 30.46 9.58
CA VAL C 25 -13.83 29.44 10.32
C VAL C 25 -14.79 28.56 9.50
N VAL C 26 -14.25 27.52 8.89
CA VAL C 26 -15.05 26.50 8.25
C VAL C 26 -15.76 25.64 9.30
N ILE C 27 -17.07 25.51 9.14
CA ILE C 27 -17.82 24.67 10.04
C ILE C 27 -18.13 23.39 9.30
N VAL C 28 -17.68 22.29 9.88
CA VAL C 28 -17.92 20.99 9.28
C VAL C 28 -18.91 20.33 10.22
N ARG C 29 -20.07 19.96 9.67
CA ARG C 29 -21.05 19.20 10.44
C ARG C 29 -20.54 17.78 10.60
N PHE C 30 -20.43 17.33 11.84
CA PHE C 30 -19.78 16.06 12.12
C PHE C 30 -20.59 15.11 12.99
N GLY C 31 -20.75 13.87 12.54
CA GLY C 31 -21.43 12.88 13.34
C GLY C 31 -20.85 11.50 13.06
N LEU C 32 -20.88 10.65 14.08
CA LEU C 32 -20.35 9.30 13.96
C LEU C 32 -21.50 8.33 13.78
N SER C 33 -21.40 7.45 12.80
CA SER C 33 -22.36 6.39 12.69
C SER C 33 -21.67 5.07 12.86
N ILE C 34 -22.28 4.16 13.59
CA ILE C 34 -21.63 2.89 13.81
C ILE C 34 -22.41 1.77 13.14
N ALA C 35 -21.79 1.21 12.11
CA ALA C 35 -22.41 0.17 11.31
C ALA C 35 -22.23 -1.23 11.92
N GLN C 36 -21.05 -1.47 12.46
CA GLN C 36 -20.80 -2.76 13.04
C GLN C 36 -19.74 -2.69 14.11
N LEU C 37 -19.91 -3.53 15.12
CA LEU C 37 -18.86 -3.77 16.08
C LEU C 37 -18.24 -5.08 15.62
N ILE C 38 -17.06 -4.95 15.02
CA ILE C 38 -16.41 -6.01 14.29
C ILE C 38 -15.82 -7.05 15.19
N ASP C 39 -15.11 -6.56 16.19
CA ASP C 39 -14.38 -7.42 17.12
C ASP C 39 -14.07 -6.79 18.49
N VAL C 40 -14.13 -7.60 19.53
CA VAL C 40 -13.64 -7.17 20.85
C VAL C 40 -12.68 -8.17 21.47
N ASP C 41 -11.42 -7.77 21.55
CA ASP C 41 -10.41 -8.60 22.12
C ASP C 41 -9.94 -7.92 23.39
N GLU C 42 -9.86 -8.68 24.48
CA GLU C 42 -9.71 -8.09 25.80
C GLU C 42 -8.23 -7.88 26.10
N LYS C 43 -7.41 -8.88 25.76
CA LYS C 43 -5.96 -8.81 25.92
C LYS C 43 -5.39 -7.42 25.64
N ASN C 44 -5.40 -7.05 24.36
CA ASN C 44 -4.91 -5.74 23.95
C ASN C 44 -6.02 -4.65 24.09
N GLN C 45 -7.03 -4.96 24.91
CA GLN C 45 -8.11 -4.04 25.36
C GLN C 45 -8.63 -3.12 24.27
N MET C 46 -8.61 -3.56 23.02
CA MET C 46 -9.01 -2.63 21.99
C MET C 46 -10.23 -3.16 21.28
N MET C 47 -10.88 -2.23 20.60
CA MET C 47 -12.14 -2.47 19.92
C MET C 47 -12.01 -2.19 18.41
N THR C 48 -12.67 -3.01 17.61
CA THR C 48 -12.65 -2.79 16.18
C THR C 48 -14.04 -2.40 15.74
N THR C 49 -14.12 -1.25 15.08
CA THR C 49 -15.39 -0.70 14.68
C THR C 49 -15.41 -0.48 13.20
N ASN C 50 -16.58 -0.65 12.59
CA ASN C 50 -16.76 -0.30 11.21
C ASN C 50 -17.67 0.89 11.23
N VAL C 51 -17.13 2.05 10.92
CA VAL C 51 -17.88 3.26 11.21
C VAL C 51 -18.04 4.07 9.96
N TRP C 52 -19.01 4.97 9.95
CA TRP C 52 -19.16 5.92 8.85
C TRP C 52 -18.99 7.34 9.38
N LEU C 53 -18.03 8.09 8.85
CA LEU C 53 -17.87 9.45 9.35
C LEU C 53 -18.70 10.43 8.55
N LYS C 54 -19.83 10.82 9.11
CA LYS C 54 -20.72 11.74 8.45
C LYS C 54 -20.14 13.13 8.53
N GLN C 55 -19.89 13.72 7.37
CA GLN C 55 -19.38 15.08 7.31
C GLN C 55 -20.17 15.85 6.27
N GLU C 56 -20.52 17.09 6.59
CA GLU C 56 -21.16 17.98 5.63
C GLU C 56 -20.70 19.40 5.90
N TRP C 57 -20.28 20.09 4.86
CA TRP C 57 -19.82 21.46 5.01
C TRP C 57 -20.13 22.29 3.77
N SER C 58 -19.79 23.58 3.82
CA SER C 58 -20.13 24.46 2.70
C SER C 58 -18.89 24.94 1.98
N ASP C 59 -18.86 24.70 0.67
CA ASP C 59 -17.78 25.23 -0.15
C ASP C 59 -18.24 26.46 -0.92
N TYR C 60 -17.66 27.59 -0.54
CA TYR C 60 -17.99 28.88 -1.09
C TYR C 60 -17.74 28.82 -2.58
N LYS C 61 -16.64 28.18 -2.91
CA LYS C 61 -16.15 28.05 -4.26
C LYS C 61 -16.97 27.05 -5.10
N LEU C 62 -17.86 26.28 -4.48
CA LEU C 62 -18.59 25.24 -5.23
C LEU C 62 -20.05 25.47 -5.69
N ARG C 63 -20.59 26.69 -5.56
CA ARG C 63 -21.98 26.94 -5.93
C ARG C 63 -22.22 27.02 -7.45
N TRP C 64 -23.41 26.57 -7.86
CA TRP C 64 -23.88 26.78 -9.23
C TRP C 64 -25.40 26.88 -9.21
N ASN C 65 -25.98 27.38 -10.29
CA ASN C 65 -27.43 27.43 -10.41
C ASN C 65 -28.00 26.42 -11.39
N PRO C 66 -28.75 25.43 -10.90
CA PRO C 66 -29.27 24.34 -11.72
C PRO C 66 -30.05 24.80 -12.96
N THR C 67 -30.71 25.95 -12.87
CA THR C 67 -31.47 26.43 -14.02
C THR C 67 -30.60 26.53 -15.26
N ASP C 68 -29.33 26.84 -15.05
CA ASP C 68 -28.36 26.98 -16.14
C ASP C 68 -27.90 25.63 -16.70
N PHE C 69 -28.27 24.53 -16.05
CA PHE C 69 -27.85 23.24 -16.56
C PHE C 69 -29.08 22.31 -16.66
N GLY C 70 -28.96 21.18 -17.36
CA GLY C 70 -30.12 20.37 -17.71
C GLY C 70 -30.63 19.03 -17.16
N ASN C 71 -29.84 18.27 -16.40
CA ASN C 71 -30.33 16.97 -15.90
C ASN C 71 -31.05 16.97 -14.53
N ILE C 72 -31.01 18.05 -13.75
CA ILE C 72 -30.06 19.15 -13.83
C ILE C 72 -28.88 19.15 -12.83
N THR C 73 -29.19 19.35 -11.55
CA THR C 73 -28.17 19.62 -10.54
C THR C 73 -27.94 18.59 -9.43
N SER C 74 -26.99 18.93 -8.55
CA SER C 74 -26.66 18.12 -7.39
C SER C 74 -26.15 16.71 -7.73
N LEU C 75 -24.89 16.62 -8.17
CA LEU C 75 -24.25 15.33 -8.54
C LEU C 75 -22.98 15.01 -7.73
N ARG C 76 -22.56 13.75 -7.77
CA ARG C 76 -21.44 13.23 -6.97
C ARG C 76 -20.05 13.20 -7.61
N VAL C 77 -19.12 13.90 -6.97
CA VAL C 77 -17.73 14.06 -7.43
C VAL C 77 -16.74 13.35 -6.51
N PRO C 78 -15.53 13.03 -7.03
CA PRO C 78 -14.47 12.36 -6.27
C PRO C 78 -13.97 13.21 -5.12
N SER C 79 -13.84 12.63 -3.93
CA SER C 79 -13.43 13.37 -2.72
C SER C 79 -11.98 13.89 -2.79
N GLU C 80 -11.19 13.33 -3.70
CA GLU C 80 -9.79 13.74 -3.89
C GLU C 80 -9.61 15.12 -4.53
N MET C 81 -10.62 15.55 -5.28
CA MET C 81 -10.61 16.79 -6.06
C MET C 81 -10.91 18.05 -5.23
N ILE C 82 -11.68 17.91 -4.14
CA ILE C 82 -12.01 19.09 -3.35
C ILE C 82 -11.17 19.18 -2.09
N TRP C 83 -11.33 20.27 -1.36
CA TRP C 83 -10.76 20.40 -0.03
C TRP C 83 -11.70 19.66 0.89
N ILE C 84 -11.12 18.85 1.77
CA ILE C 84 -11.86 18.11 2.76
C ILE C 84 -11.22 18.22 4.12
N PRO C 85 -12.01 18.00 5.18
CA PRO C 85 -11.48 18.10 6.53
C PRO C 85 -10.43 17.02 6.76
N ASP C 86 -9.41 17.37 7.51
CA ASP C 86 -8.35 16.44 7.80
C ASP C 86 -8.70 15.64 9.04
N ILE C 87 -9.99 15.48 9.32
CA ILE C 87 -10.46 14.80 10.53
C ILE C 87 -9.84 13.43 10.71
N VAL C 88 -9.19 13.27 11.86
CA VAL C 88 -8.44 12.08 12.20
C VAL C 88 -8.93 11.47 13.51
N LEU C 89 -8.59 10.19 13.73
CA LEU C 89 -8.87 9.53 15.01
C LEU C 89 -7.71 9.66 15.99
N TYR C 90 -7.91 10.51 17.00
CA TYR C 90 -6.90 10.79 18.01
C TYR C 90 -6.59 9.52 18.76
N ASN C 91 -7.60 8.66 18.85
CA ASN C 91 -7.58 7.60 19.82
C ASN C 91 -6.58 6.51 19.44
N ASN C 92 -6.86 5.65 18.46
CA ASN C 92 -5.75 4.79 18.04
C ASN C 92 -5.49 4.51 16.56
N ALA C 93 -6.35 3.69 15.95
CA ALA C 93 -6.32 3.46 14.49
C ALA C 93 -5.01 2.82 13.96
N ASP C 94 -4.88 1.49 14.09
CA ASP C 94 -3.66 0.83 13.62
C ASP C 94 -3.74 0.40 12.17
N GLY C 95 -4.93 0.39 11.59
CA GLY C 95 -5.05 0.24 10.14
C GLY C 95 -5.17 1.48 9.27
N GLU C 96 -5.78 2.54 9.79
CA GLU C 96 -6.22 3.63 8.93
C GLU C 96 -5.76 5.00 9.45
N PHE C 97 -6.15 5.34 10.68
CA PHE C 97 -5.79 6.62 11.33
C PHE C 97 -6.69 7.74 10.82
N ALA C 98 -7.19 7.54 9.59
CA ALA C 98 -8.00 8.48 8.82
C ALA C 98 -8.88 7.64 7.91
N VAL C 99 -9.66 8.27 7.02
CA VAL C 99 -10.61 7.48 6.24
C VAL C 99 -9.91 6.52 5.29
N THR C 100 -8.79 6.96 4.74
CA THR C 100 -7.98 6.13 3.87
C THR C 100 -8.68 5.35 2.77
N HIS C 101 -9.86 5.76 2.33
CA HIS C 101 -10.44 4.94 1.28
C HIS C 101 -10.03 5.46 -0.11
N MET C 102 -10.55 6.62 -0.55
CA MET C 102 -11.68 7.28 0.10
C MET C 102 -12.83 7.38 -0.91
N THR C 103 -14.03 7.53 -0.41
CA THR C 103 -15.24 7.52 -1.22
C THR C 103 -15.53 8.81 -1.97
N LYS C 104 -16.60 8.82 -2.75
CA LYS C 104 -17.06 10.04 -3.40
C LYS C 104 -17.82 10.86 -2.40
N ALA C 105 -17.87 12.16 -2.64
CA ALA C 105 -18.69 13.10 -1.90
C ALA C 105 -19.90 13.50 -2.76
N HIS C 106 -21.01 13.86 -2.13
CA HIS C 106 -22.20 14.32 -2.83
C HIS C 106 -22.30 15.85 -2.78
N LEU C 107 -22.13 16.50 -3.93
CA LEU C 107 -22.12 17.96 -3.96
C LEU C 107 -23.47 18.55 -4.40
N PHE C 108 -23.90 19.58 -3.68
CA PHE C 108 -25.17 20.21 -3.95
C PHE C 108 -24.95 21.58 -4.50
N SER C 109 -25.79 21.97 -5.45
CA SER C 109 -25.64 23.24 -6.14
C SER C 109 -25.48 24.41 -5.20
N THR C 110 -26.01 24.24 -4.00
CA THR C 110 -25.98 25.26 -2.97
C THR C 110 -24.56 25.49 -2.47
N GLY C 111 -23.67 24.58 -2.85
CA GLY C 111 -22.27 24.66 -2.45
C GLY C 111 -21.96 23.80 -1.26
N THR C 112 -22.94 23.03 -0.83
CA THR C 112 -22.78 22.19 0.34
C THR C 112 -22.42 20.76 -0.03
N VAL C 113 -21.39 20.24 0.65
CA VAL C 113 -20.88 18.89 0.46
C VAL C 113 -21.27 17.91 1.57
N HIS C 114 -21.67 16.73 1.15
CA HIS C 114 -21.86 15.62 2.06
C HIS C 114 -20.84 14.51 1.75
N TRP C 115 -19.91 14.29 2.68
CA TRP C 115 -18.95 13.22 2.53
C TRP C 115 -19.15 12.22 3.66
N VAL C 116 -19.33 10.94 3.31
CA VAL C 116 -19.67 9.95 4.33
C VAL C 116 -18.88 8.66 4.18
N PRO C 117 -17.56 8.76 4.30
CA PRO C 117 -16.69 7.61 4.05
C PRO C 117 -16.73 6.57 5.17
N PRO C 118 -16.60 5.28 4.82
CA PRO C 118 -16.47 4.14 5.72
C PRO C 118 -15.06 4.03 6.30
N ALA C 119 -14.91 3.34 7.43
CA ALA C 119 -13.63 3.20 8.11
C ALA C 119 -13.55 1.91 8.90
N ILE C 120 -12.34 1.36 9.02
CA ILE C 120 -12.15 0.30 9.99
C ILE C 120 -11.20 0.83 11.01
N TYR C 121 -11.73 1.07 12.18
CA TYR C 121 -10.95 1.63 13.25
C TYR C 121 -10.65 0.60 14.31
N LYS C 122 -9.42 0.67 14.81
CA LYS C 122 -8.99 -0.18 15.91
C LYS C 122 -8.66 0.76 17.07
N SER C 123 -9.42 0.69 18.15
CA SER C 123 -9.37 1.71 19.18
C SER C 123 -9.34 1.15 20.62
N SER C 124 -8.57 1.83 21.46
CA SER C 124 -8.36 1.46 22.87
C SER C 124 -9.46 1.86 23.88
N CYS C 125 -9.62 1.08 24.94
CA CYS C 125 -10.60 1.48 25.95
C CYS C 125 -10.47 0.80 27.33
N SER C 126 -11.36 1.16 28.25
CA SER C 126 -11.26 0.67 29.61
C SER C 126 -12.47 -0.05 30.24
N ILE C 127 -12.15 -0.94 31.18
CA ILE C 127 -13.10 -1.83 31.83
C ILE C 127 -13.45 -1.11 33.10
N ASP C 128 -12.70 -0.05 33.29
CA ASP C 128 -12.80 0.82 34.43
C ASP C 128 -12.59 -0.04 35.69
N VAL C 129 -13.30 0.28 36.77
CA VAL C 129 -13.05 -0.43 38.02
C VAL C 129 -14.09 -1.51 38.30
N THR C 130 -13.90 -2.25 39.37
CA THR C 130 -14.68 -3.45 39.66
C THR C 130 -16.17 -3.25 39.90
N PHE C 131 -16.59 -2.11 40.44
CA PHE C 131 -18.03 -1.95 40.63
C PHE C 131 -18.73 -1.56 39.33
N PHE C 132 -17.97 -1.16 38.31
CA PHE C 132 -18.57 -1.17 36.99
C PHE C 132 -18.56 -2.67 36.73
N PRO C 133 -19.58 -3.22 36.06
CA PRO C 133 -19.50 -4.67 35.86
C PRO C 133 -18.19 -5.10 35.22
N PHE C 134 -17.82 -6.35 35.50
CA PHE C 134 -16.52 -6.83 35.09
C PHE C 134 -16.51 -7.23 33.61
N ASP C 135 -17.62 -7.76 33.14
CA ASP C 135 -17.80 -8.13 31.73
C ASP C 135 -18.46 -7.05 30.86
N GLN C 136 -18.52 -5.81 31.34
CA GLN C 136 -19.06 -4.71 30.53
C GLN C 136 -17.89 -3.73 30.29
N GLN C 137 -17.97 -2.83 29.33
CA GLN C 137 -16.83 -1.94 29.09
C GLN C 137 -17.13 -0.54 28.53
N ASN C 138 -16.38 0.47 28.99
CA ASN C 138 -16.48 1.77 28.32
C ASN C 138 -15.38 1.93 27.26
N CYS C 139 -15.78 2.26 26.03
CA CYS C 139 -14.82 2.43 24.93
C CYS C 139 -14.95 3.77 24.22
N LYS C 140 -13.96 4.64 24.37
CA LYS C 140 -13.97 5.98 23.77
C LYS C 140 -13.25 6.11 22.41
N MET C 141 -13.80 7.00 21.57
CA MET C 141 -13.20 7.37 20.26
C MET C 141 -13.07 8.89 20.11
N LYS C 142 -11.85 9.40 19.99
CA LYS C 142 -11.67 10.84 19.94
C LYS C 142 -11.38 11.29 18.50
N PHE C 143 -12.36 11.93 17.85
CA PHE C 143 -12.19 12.49 16.48
C PHE C 143 -12.02 14.01 16.37
N GLY C 144 -11.19 14.47 15.43
CA GLY C 144 -11.05 15.89 15.23
C GLY C 144 -10.09 16.27 14.11
N SER C 145 -10.12 17.52 13.70
CA SER C 145 -9.15 18.01 12.74
C SER C 145 -7.77 17.90 13.34
N TRP C 146 -6.80 17.44 12.55
CA TRP C 146 -5.43 17.36 13.04
C TRP C 146 -4.59 18.63 12.92
N THR C 147 -4.68 19.33 11.80
CA THR C 147 -3.80 20.49 11.63
C THR C 147 -4.50 21.82 11.80
N TYR C 148 -5.83 21.82 11.71
CA TYR C 148 -6.63 23.06 11.78
C TYR C 148 -7.24 23.33 13.18
N ASP C 149 -6.96 24.49 13.76
CA ASP C 149 -7.56 24.84 15.05
C ASP C 149 -8.96 25.45 14.91
N LYS C 150 -9.62 25.71 16.03
CA LYS C 150 -11.02 26.18 16.04
C LYS C 150 -11.28 27.46 15.21
N ALA C 151 -10.25 28.29 15.11
CA ALA C 151 -10.32 29.51 14.30
C ALA C 151 -10.41 29.21 12.80
N LYS C 152 -9.55 28.31 12.33
CA LYS C 152 -9.51 27.98 10.91
C LYS C 152 -10.59 26.95 10.55
N ILE C 153 -10.80 25.97 11.44
CA ILE C 153 -11.80 24.93 11.25
C ILE C 153 -12.54 24.61 12.54
N ASP C 154 -13.84 24.39 12.47
CA ASP C 154 -14.55 24.01 13.68
C ASP C 154 -15.64 23.00 13.41
N LEU C 155 -15.93 22.17 14.40
CA LEU C 155 -16.87 21.07 14.26
C LEU C 155 -18.11 21.40 15.04
N GLU C 156 -19.29 21.29 14.43
CA GLU C 156 -20.50 21.31 15.25
C GLU C 156 -21.05 19.90 15.17
N GLN C 157 -21.31 19.29 16.33
CA GLN C 157 -21.74 17.90 16.37
C GLN C 157 -23.15 17.65 15.83
N MET C 158 -23.26 16.73 14.88
CA MET C 158 -24.56 16.32 14.40
C MET C 158 -25.23 15.72 15.61
N GLU C 159 -26.51 15.99 15.82
CA GLU C 159 -27.13 15.36 16.98
C GLU C 159 -27.23 13.86 16.80
N GLN C 160 -27.37 13.19 17.93
CA GLN C 160 -27.54 11.74 17.97
C GLN C 160 -28.91 11.44 17.39
N THR C 161 -29.51 12.48 16.82
CA THR C 161 -30.74 12.40 16.03
C THR C 161 -30.58 11.54 14.79
N VAL C 162 -29.51 11.75 14.02
CA VAL C 162 -29.16 10.80 12.98
C VAL C 162 -28.50 9.62 13.70
N ASP C 163 -29.17 8.47 13.66
CA ASP C 163 -28.87 7.35 14.57
C ASP C 163 -27.47 6.77 14.31
N LEU C 164 -26.70 6.64 15.37
CA LEU C 164 -25.44 5.92 15.29
C LEU C 164 -25.78 4.46 14.96
N LYS C 165 -26.95 4.00 15.43
CA LYS C 165 -27.34 2.58 15.40
C LYS C 165 -28.33 2.11 14.28
N ASP C 166 -28.84 3.04 13.46
CA ASP C 166 -29.86 2.71 12.44
C ASP C 166 -29.29 1.66 11.51
N TYR C 167 -28.00 1.83 11.19
CA TYR C 167 -27.34 0.87 10.34
C TYR C 167 -26.58 -0.11 11.19
N TRP C 168 -26.84 -0.05 12.49
CA TRP C 168 -26.09 -0.85 13.40
C TRP C 168 -26.82 -2.16 13.39
N GLU C 169 -26.14 -3.19 12.88
CA GLU C 169 -26.71 -4.51 12.84
C GLU C 169 -26.38 -5.10 14.18
N SER C 170 -27.36 -5.72 14.83
CA SER C 170 -27.10 -6.14 16.18
C SER C 170 -26.17 -7.32 15.96
N GLY C 171 -24.95 -7.16 16.43
CA GLY C 171 -23.95 -8.19 16.30
C GLY C 171 -23.90 -9.22 17.40
N GLU C 172 -22.71 -9.77 17.59
CA GLU C 172 -22.42 -10.81 18.56
C GLU C 172 -22.47 -10.28 20.00
N TRP C 173 -21.86 -9.12 20.24
CA TRP C 173 -21.83 -8.51 21.58
C TRP C 173 -22.34 -7.08 21.57
N ALA C 174 -23.08 -6.74 22.62
CA ALA C 174 -23.93 -5.55 22.68
C ALA C 174 -23.26 -4.20 22.76
N ILE C 175 -24.06 -3.16 22.50
CA ILE C 175 -23.73 -1.73 22.66
C ILE C 175 -24.89 -0.97 23.34
N VAL C 176 -24.69 -0.39 24.52
CA VAL C 176 -25.79 0.36 25.13
C VAL C 176 -25.78 1.88 24.95
N ASN C 177 -24.93 2.57 25.70
CA ASN C 177 -24.86 4.02 25.63
C ASN C 177 -24.14 4.62 24.45
N ALA C 178 -24.80 5.56 23.78
CA ALA C 178 -24.13 6.24 22.69
C ALA C 178 -24.26 7.73 22.87
N THR C 179 -23.14 8.34 23.25
CA THR C 179 -23.12 9.77 23.45
C THR C 179 -21.85 10.32 22.87
N GLY C 180 -21.98 11.24 21.91
CA GLY C 180 -20.81 11.97 21.42
C GLY C 180 -20.74 13.28 22.17
N THR C 181 -19.54 13.79 22.43
CA THR C 181 -19.46 15.08 23.07
C THR C 181 -18.29 15.93 22.63
N TYR C 182 -18.63 17.16 22.28
CA TYR C 182 -17.69 18.20 21.89
C TYR C 182 -16.76 18.64 23.03
N ASN C 183 -15.46 18.67 22.72
CA ASN C 183 -14.48 19.28 23.58
C ASN C 183 -13.49 20.16 22.84
N SER C 184 -12.74 20.94 23.59
CA SER C 184 -11.74 21.83 23.03
C SER C 184 -10.63 21.97 24.04
N LYS C 185 -9.40 22.01 23.55
CA LYS C 185 -8.25 21.96 24.42
C LYS C 185 -7.13 22.78 23.87
N LYS C 186 -6.21 23.11 24.74
CA LYS C 186 -4.90 23.57 24.33
C LYS C 186 -3.95 22.37 24.56
N TYR C 187 -3.08 22.13 23.59
CA TYR C 187 -2.12 21.04 23.71
C TYR C 187 -0.73 21.61 23.97
N ASP C 188 0.08 20.94 24.79
CA ASP C 188 1.35 21.53 25.22
C ASP C 188 2.33 21.62 24.05
N CYS C 189 1.94 21.05 22.93
CA CYS C 189 2.81 20.99 21.77
C CYS C 189 2.68 22.24 20.94
N CYS C 190 1.45 22.74 20.92
CA CYS C 190 0.98 23.63 19.88
C CYS C 190 0.13 24.78 20.42
N ALA C 191 0.45 25.98 19.96
CA ALA C 191 -0.05 27.23 20.52
C ALA C 191 -1.56 27.39 20.45
N GLU C 192 -2.17 26.77 19.46
CA GLU C 192 -3.58 26.98 19.17
C GLU C 192 -4.49 26.05 19.97
N ILE C 193 -5.80 26.22 19.76
CA ILE C 193 -6.82 25.42 20.41
C ILE C 193 -7.59 24.58 19.39
N TYR C 194 -7.58 23.26 19.57
CA TYR C 194 -8.12 22.35 18.56
C TYR C 194 -9.34 21.61 19.08
N PRO C 195 -10.49 21.85 18.43
CA PRO C 195 -11.75 21.19 18.77
C PRO C 195 -11.75 19.72 18.41
N ASP C 196 -12.47 18.96 19.21
CA ASP C 196 -12.66 17.56 18.96
C ASP C 196 -14.08 17.19 19.29
N VAL C 197 -14.46 16.03 18.83
CA VAL C 197 -15.67 15.39 19.30
C VAL C 197 -15.21 14.05 19.78
N THR C 198 -15.38 13.78 21.06
CA THR C 198 -15.08 12.43 21.53
C THR C 198 -16.38 11.63 21.64
N TYR C 199 -16.33 10.36 21.25
CA TYR C 199 -17.47 9.48 21.41
C TYR C 199 -17.16 8.43 22.43
N ALA C 200 -18.04 8.28 23.41
CA ALA C 200 -17.88 7.29 24.45
C ALA C 200 -18.96 6.23 24.35
N PHE C 201 -18.52 4.97 24.30
CA PHE C 201 -19.40 3.83 24.12
C PHE C 201 -19.40 2.97 25.37
N VAL C 202 -20.49 2.23 25.54
CA VAL C 202 -20.58 1.23 26.57
C VAL C 202 -20.98 -0.10 26.00
N ILE C 203 -20.24 -1.16 26.33
CA ILE C 203 -20.59 -2.44 25.75
C ILE C 203 -20.66 -3.59 26.75
N ARG C 204 -21.86 -4.15 26.89
CA ARG C 204 -22.10 -5.30 27.78
C ARG C 204 -22.19 -6.60 26.97
N ARG C 205 -21.68 -7.67 27.56
CA ARG C 205 -21.50 -8.95 26.88
C ARG C 205 -22.55 -10.04 26.85
N LEU C 206 -23.80 -9.79 27.26
CA LEU C 206 -24.79 -10.87 27.34
C LEU C 206 -24.82 -11.59 26.00
N PRO C 207 -24.40 -12.87 26.01
CA PRO C 207 -24.17 -13.64 24.78
C PRO C 207 -25.46 -14.12 24.11
N HIS C 208 -25.86 -13.60 23.06
N GLU D 1 -2.41 39.39 -4.66
CA GLU D 1 -2.72 38.00 -4.40
C GLU D 1 -4.11 37.81 -3.78
N ASP D 2 -4.87 36.87 -4.35
CA ASP D 2 -6.16 36.52 -3.75
C ASP D 2 -6.11 35.15 -3.12
N ARG D 3 -5.73 35.11 -1.85
CA ARG D 3 -5.86 33.95 -0.97
C ARG D 3 -5.28 32.64 -1.61
N LEU D 4 -5.32 32.55 -2.95
CA LEU D 4 -4.67 31.50 -3.76
C LEU D 4 -3.39 31.96 -4.45
N PHE D 5 -3.19 33.28 -4.54
CA PHE D 5 -2.01 33.82 -5.22
C PHE D 5 -0.80 33.57 -4.37
N LYS D 6 -1.08 33.42 -3.09
CA LYS D 6 -0.04 33.13 -2.11
C LYS D 6 0.42 31.68 -2.18
N HIS D 7 -0.51 30.75 -2.42
CA HIS D 7 -0.11 29.37 -2.66
C HIS D 7 0.81 29.42 -3.87
N LEU D 8 0.28 30.06 -4.90
CA LEU D 8 0.92 30.19 -6.18
C LEU D 8 2.21 30.96 -6.07
N PHE D 9 2.25 31.99 -5.23
CA PHE D 9 3.47 32.75 -5.19
C PHE D 9 4.69 31.98 -4.69
N ARG D 10 4.50 31.15 -3.68
CA ARG D 10 5.56 30.32 -3.14
C ARG D 10 5.78 28.96 -3.77
N GLY D 11 4.69 28.30 -4.14
CA GLY D 11 4.75 26.96 -4.69
C GLY D 11 5.36 26.97 -6.08
N TYR D 12 5.26 28.11 -6.78
CA TYR D 12 5.66 28.22 -8.19
C TYR D 12 7.11 27.87 -8.51
N ASN D 13 8.04 28.52 -7.86
CA ASN D 13 9.45 28.30 -8.16
C ASN D 13 10.14 27.21 -7.33
N ARG D 14 9.46 26.81 -6.27
CA ARG D 14 10.04 26.01 -5.23
C ARG D 14 10.46 24.60 -5.58
N TRP D 15 11.59 24.11 -5.04
CA TRP D 15 11.86 22.68 -5.13
C TRP D 15 11.90 21.96 -3.78
N ALA D 16 11.13 20.87 -3.69
CA ALA D 16 11.02 20.04 -2.50
C ALA D 16 12.34 19.32 -2.21
N ARG D 17 13.14 19.12 -3.24
CA ARG D 17 14.40 18.39 -3.14
C ARG D 17 15.53 19.06 -2.35
N PRO D 18 15.74 20.38 -2.58
CA PRO D 18 16.84 21.14 -1.95
C PRO D 18 16.63 21.54 -0.50
N VAL D 19 17.66 21.43 0.34
CA VAL D 19 17.54 21.86 1.74
C VAL D 19 17.29 23.34 1.68
N PRO D 20 16.33 23.83 2.46
CA PRO D 20 15.78 25.18 2.32
C PRO D 20 16.53 26.30 2.98
N ASN D 21 17.71 26.62 2.46
CA ASN D 21 18.42 27.76 3.02
C ASN D 21 19.27 28.54 2.02
N THR D 22 19.87 29.58 2.56
CA THR D 22 20.80 30.40 1.85
C THR D 22 22.25 29.89 1.87
N SER D 23 22.62 29.22 2.96
CA SER D 23 24.02 28.80 3.14
C SER D 23 24.32 27.33 3.44
N ASP D 24 24.25 27.01 4.73
CA ASP D 24 24.60 25.72 5.32
C ASP D 24 23.78 25.48 6.61
N VAL D 25 23.58 24.22 6.98
CA VAL D 25 22.96 23.79 8.28
C VAL D 25 21.50 24.11 8.64
N VAL D 26 20.59 23.28 8.16
CA VAL D 26 19.22 23.37 8.60
C VAL D 26 19.11 22.81 9.99
N ILE D 27 18.53 23.58 10.88
CA ILE D 27 18.34 23.14 12.25
C ILE D 27 16.87 22.77 12.47
N VAL D 28 16.64 21.56 12.96
CA VAL D 28 15.28 21.11 13.19
C VAL D 28 15.01 20.94 14.68
N ARG D 29 14.04 21.67 15.21
CA ARG D 29 13.58 21.44 16.58
C ARG D 29 12.69 20.22 16.65
N PHE D 30 13.06 19.29 17.51
CA PHE D 30 12.47 17.96 17.52
C PHE D 30 11.95 17.50 18.86
N GLY D 31 10.71 17.02 18.90
CA GLY D 31 10.21 16.49 20.13
C GLY D 31 9.24 15.35 19.91
N LEU D 32 9.27 14.42 20.87
CA LEU D 32 8.47 13.24 20.80
C LEU D 32 7.31 13.48 21.73
N SER D 33 6.11 13.25 21.26
CA SER D 33 4.94 13.32 22.11
C SER D 33 4.37 11.95 22.14
N ILE D 34 3.88 11.50 23.27
CA ILE D 34 3.30 10.18 23.30
C ILE D 34 1.83 10.15 23.68
N ALA D 35 1.02 9.67 22.75
CA ALA D 35 -0.40 9.58 22.96
C ALA D 35 -0.78 8.27 23.62
N GLN D 36 -0.16 7.18 23.17
CA GLN D 36 -0.49 5.87 23.71
C GLN D 36 0.60 4.76 23.63
N LEU D 37 0.65 3.92 24.66
CA LEU D 37 1.45 2.70 24.64
C LEU D 37 0.49 1.59 24.31
N ILE D 38 0.60 1.14 23.07
CA ILE D 38 -0.40 0.25 22.56
C ILE D 38 -0.20 -1.11 23.13
N ASP D 39 1.00 -1.62 22.97
CA ASP D 39 1.31 -2.97 23.42
C ASP D 39 2.81 -3.12 23.55
N VAL D 40 3.21 -3.94 24.51
CA VAL D 40 4.60 -4.32 24.74
C VAL D 40 4.60 -5.82 24.71
N ASP D 41 5.33 -6.41 23.77
CA ASP D 41 5.17 -7.83 23.57
C ASP D 41 6.28 -8.58 24.25
N GLU D 42 5.93 -9.72 24.85
CA GLU D 42 6.73 -10.32 25.91
C GLU D 42 7.65 -11.26 25.20
N LYS D 43 7.00 -12.21 24.55
CA LYS D 43 7.61 -13.26 23.76
C LYS D 43 8.50 -12.63 22.71
N ASN D 44 7.87 -11.81 21.87
CA ASN D 44 8.52 -11.13 20.74
C ASN D 44 9.28 -9.89 21.16
N GLN D 45 9.37 -9.68 22.46
CA GLN D 45 10.24 -8.69 23.10
C GLN D 45 10.21 -7.20 22.71
N MET D 46 9.08 -6.69 22.20
CA MET D 46 9.10 -5.31 21.72
C MET D 46 7.86 -4.48 22.03
N MET D 47 8.00 -3.19 21.86
CA MET D 47 6.97 -2.23 22.21
C MET D 47 6.36 -1.45 21.03
N THR D 48 5.05 -1.26 21.09
CA THR D 48 4.31 -0.50 20.09
C THR D 48 3.73 0.80 20.63
N THR D 49 4.10 1.89 20.01
CA THR D 49 3.67 3.20 20.49
C THR D 49 2.98 3.92 19.35
N ASN D 50 2.09 4.83 19.75
CA ASN D 50 1.46 5.80 18.90
C ASN D 50 1.93 7.17 19.29
N VAL D 51 2.74 7.78 18.43
CA VAL D 51 3.40 9.01 18.81
C VAL D 51 3.10 10.13 17.84
N TRP D 52 3.42 11.33 18.31
CA TRP D 52 3.39 12.56 17.55
C TRP D 52 4.82 13.01 17.40
N LEU D 53 5.29 13.21 16.17
CA LEU D 53 6.67 13.68 15.94
C LEU D 53 6.71 15.19 15.81
N LYS D 54 7.12 15.90 16.87
CA LYS D 54 7.18 17.35 16.78
C LYS D 54 8.39 17.78 15.98
N GLN D 55 8.12 18.52 14.92
CA GLN D 55 9.19 19.01 14.08
C GLN D 55 9.01 20.46 13.89
N GLU D 56 10.13 21.17 13.93
CA GLU D 56 10.11 22.57 13.64
C GLU D 56 11.40 22.98 12.96
N TRP D 57 11.31 23.70 11.85
CA TRP D 57 12.51 24.18 11.18
C TRP D 57 12.17 25.40 10.38
N SER D 58 13.20 26.01 9.80
CA SER D 58 12.99 27.21 9.01
C SER D 58 13.30 27.00 7.57
N ASP D 59 12.26 27.23 6.77
CA ASP D 59 12.37 27.22 5.33
C ASP D 59 12.31 28.65 4.79
N TYR D 60 13.45 29.11 4.29
CA TYR D 60 13.69 30.47 3.82
C TYR D 60 12.83 30.97 2.67
N LYS D 61 12.64 30.08 1.70
CA LYS D 61 11.92 30.37 0.47
C LYS D 61 10.43 30.54 0.68
N LEU D 62 9.94 30.13 1.85
CA LEU D 62 8.50 30.12 2.11
C LEU D 62 8.02 31.38 2.83
N ARG D 63 8.90 32.37 2.87
CA ARG D 63 8.62 33.63 3.54
C ARG D 63 7.73 34.55 2.71
N TRP D 64 6.90 35.34 3.39
CA TRP D 64 6.06 36.32 2.75
C TRP D 64 5.72 37.52 3.66
N ASN D 65 5.17 38.59 3.07
CA ASN D 65 4.67 39.70 3.86
C ASN D 65 3.16 39.68 3.90
N PRO D 66 2.59 39.34 5.08
CA PRO D 66 1.14 39.14 5.24
C PRO D 66 0.31 40.33 4.78
N THR D 67 0.86 41.54 4.88
CA THR D 67 0.15 42.75 4.43
C THR D 67 -0.24 42.65 2.98
N ASP D 68 0.59 41.90 2.26
CA ASP D 68 0.41 41.67 0.83
C ASP D 68 -0.69 40.62 0.63
N PHE D 69 -1.10 39.99 1.74
CA PHE D 69 -2.10 38.95 1.73
C PHE D 69 -3.16 39.43 2.71
N GLY D 70 -4.14 38.59 3.05
CA GLY D 70 -5.12 38.98 4.02
C GLY D 70 -4.34 39.20 5.30
N ASN D 71 -5.01 39.70 6.31
CA ASN D 71 -4.37 40.02 7.57
C ASN D 71 -4.31 38.76 8.45
N ILE D 72 -4.47 37.59 7.81
CA ILE D 72 -4.92 36.34 8.42
C ILE D 72 -3.70 35.55 8.96
N THR D 73 -2.54 36.24 9.02
CA THR D 73 -1.26 35.63 9.41
C THR D 73 -0.71 34.65 8.41
N SER D 74 -0.61 33.41 8.88
CA SER D 74 -0.06 32.29 8.12
C SER D 74 -1.05 31.13 7.92
N LEU D 75 -0.74 30.20 7.00
CA LEU D 75 -1.66 29.11 6.60
C LEU D 75 -1.18 27.62 6.71
N ARG D 76 -2.08 26.67 6.46
CA ARG D 76 -1.76 25.24 6.47
C ARG D 76 -1.53 24.66 5.06
N VAL D 77 -0.32 24.18 4.78
CA VAL D 77 0.00 23.62 3.47
C VAL D 77 0.28 22.11 3.53
N PRO D 78 0.09 21.41 2.40
CA PRO D 78 0.31 19.96 2.26
C PRO D 78 1.77 19.59 2.49
N SER D 79 2.07 18.53 3.25
CA SER D 79 3.49 18.23 3.54
C SER D 79 4.26 17.68 2.33
N GLU D 80 3.55 17.15 1.34
CA GLU D 80 4.20 16.59 0.18
C GLU D 80 4.77 17.66 -0.74
N MET D 81 4.25 18.87 -0.59
CA MET D 81 4.67 19.98 -1.43
C MET D 81 5.96 20.59 -0.99
N ILE D 82 6.22 20.59 0.32
CA ILE D 82 7.43 21.24 0.79
C ILE D 82 8.55 20.29 1.11
N TRP D 83 9.71 20.86 1.41
CA TRP D 83 10.80 20.04 1.85
C TRP D 83 10.54 19.72 3.30
N ILE D 84 10.62 18.44 3.63
CA ILE D 84 10.48 18.04 5.01
C ILE D 84 11.65 17.11 5.26
N PRO D 85 12.13 17.06 6.53
CA PRO D 85 13.29 16.29 6.93
C PRO D 85 13.03 14.81 6.79
N ASP D 86 14.05 14.04 6.46
CA ASP D 86 13.88 12.62 6.31
C ASP D 86 14.13 11.90 7.58
N ILE D 87 13.81 12.52 8.70
CA ILE D 87 13.99 11.83 9.98
C ILE D 87 13.29 10.47 10.00
N VAL D 88 14.09 9.45 10.29
CA VAL D 88 13.64 8.07 10.32
C VAL D 88 13.86 7.51 11.71
N LEU D 89 13.20 6.40 12.03
CA LEU D 89 13.43 5.68 13.27
C LEU D 89 14.52 4.65 13.06
N TYR D 90 15.71 4.87 13.61
CA TYR D 90 16.84 4.00 13.30
C TYR D 90 16.49 2.62 13.68
N ASN D 91 15.81 2.60 14.80
CA ASN D 91 15.59 1.42 15.61
C ASN D 91 14.36 0.65 15.20
N ASN D 92 14.62 -0.45 14.51
CA ASN D 92 13.64 -1.47 14.17
C ASN D 92 12.22 -0.96 13.96
N ALA D 93 11.93 -0.24 12.89
CA ALA D 93 10.52 0.01 12.64
C ALA D 93 10.04 -1.09 11.74
N ASP D 94 9.30 -2.01 12.37
CA ASP D 94 8.96 -3.31 11.80
C ASP D 94 7.62 -3.31 11.14
N GLY D 95 6.87 -2.27 11.45
CA GLY D 95 5.93 -1.73 10.49
C GLY D 95 6.66 -0.67 9.67
N GLU D 96 6.90 0.48 10.28
CA GLU D 96 7.22 1.68 9.50
C GLU D 96 8.35 2.62 9.92
N PHE D 97 9.42 2.69 9.15
CA PHE D 97 10.51 3.65 9.39
C PHE D 97 10.14 5.11 9.59
N ALA D 98 9.29 5.65 8.73
CA ALA D 98 8.99 7.08 8.84
C ALA D 98 7.52 7.37 9.03
N VAL D 99 7.23 8.66 9.02
CA VAL D 99 5.88 9.11 9.18
C VAL D 99 5.25 8.92 7.81
N THR D 100 4.26 8.05 7.79
CA THR D 100 3.59 7.67 6.57
C THR D 100 2.19 8.30 6.45
N HIS D 101 1.86 9.38 7.16
CA HIS D 101 0.45 9.74 7.13
C HIS D 101 -0.10 10.33 5.81
N MET D 102 0.25 11.54 5.31
CA MET D 102 1.11 12.57 5.86
C MET D 102 0.24 13.78 6.09
N THR D 103 0.10 14.21 7.33
CA THR D 103 -0.77 15.33 7.57
C THR D 103 -0.14 16.62 7.12
N LYS D 104 -0.92 17.69 7.19
CA LYS D 104 -0.46 18.99 6.73
C LYS D 104 0.54 19.64 7.65
N ALA D 105 1.26 20.63 7.09
CA ALA D 105 2.14 21.51 7.87
C ALA D 105 1.52 22.90 8.08
N HIS D 106 1.85 23.52 9.20
CA HIS D 106 1.41 24.88 9.47
C HIS D 106 2.60 25.76 9.20
N LEU D 107 2.53 26.49 8.08
CA LEU D 107 3.62 27.33 7.64
C LEU D 107 3.32 28.76 8.03
N PHE D 108 4.33 29.44 8.57
CA PHE D 108 4.19 30.82 9.00
C PHE D 108 4.93 31.74 8.02
N SER D 109 4.40 32.94 7.81
CA SER D 109 4.97 33.94 6.89
C SER D 109 6.43 34.18 7.17
N THR D 110 6.82 33.90 8.41
CA THR D 110 8.17 34.07 8.87
C THR D 110 9.12 33.05 8.24
N GLY D 111 8.59 32.04 7.58
CA GLY D 111 9.43 31.01 6.98
C GLY D 111 9.57 29.80 7.90
N THR D 112 8.79 29.81 8.96
CA THR D 112 8.86 28.76 9.95
C THR D 112 7.80 27.68 9.69
N VAL D 113 8.24 26.41 9.72
CA VAL D 113 7.35 25.29 9.52
C VAL D 113 7.08 24.58 10.83
N HIS D 114 5.81 24.28 11.12
CA HIS D 114 5.52 23.36 12.23
C HIS D 114 4.83 22.09 11.72
N TRP D 115 5.56 20.99 11.71
CA TRP D 115 5.01 19.72 11.26
C TRP D 115 4.97 18.72 12.43
N VAL D 116 3.80 18.10 12.60
CA VAL D 116 3.54 17.19 13.70
C VAL D 116 2.82 15.92 13.28
N PRO D 117 3.49 15.07 12.53
CA PRO D 117 2.75 13.89 12.05
C PRO D 117 2.49 12.86 13.12
N PRO D 118 1.30 12.24 13.10
CA PRO D 118 1.09 11.09 13.97
C PRO D 118 1.74 9.90 13.34
N ALA D 119 2.23 8.98 14.16
CA ALA D 119 2.88 7.81 13.67
C ALA D 119 2.72 6.71 14.70
N ILE D 120 2.61 5.51 14.19
CA ILE D 120 2.57 4.31 15.00
C ILE D 120 3.77 3.44 14.80
N TYR D 121 4.63 3.39 15.81
CA TYR D 121 5.89 2.67 15.68
C TYR D 121 5.96 1.36 16.46
N LYS D 122 6.60 0.36 15.87
CA LYS D 122 6.83 -0.90 16.55
C LYS D 122 8.32 -0.91 16.80
N SER D 123 8.71 -0.96 18.07
CA SER D 123 10.08 -0.67 18.48
C SER D 123 10.65 -1.73 19.40
N SER D 124 11.92 -2.05 19.17
CA SER D 124 12.61 -3.11 19.89
C SER D 124 13.10 -2.72 21.30
N CYS D 125 13.08 -3.71 22.19
CA CYS D 125 13.44 -3.58 23.60
C CYS D 125 14.54 -4.59 23.96
N SER D 126 14.91 -4.72 25.24
CA SER D 126 16.01 -5.63 25.59
C SER D 126 15.66 -6.84 26.47
N ILE D 127 15.63 -6.65 27.79
CA ILE D 127 15.43 -7.76 28.72
C ILE D 127 14.14 -7.45 29.45
N ASP D 128 13.10 -8.27 29.23
CA ASP D 128 11.81 -7.96 29.82
C ASP D 128 11.26 -8.87 30.96
N VAL D 129 10.50 -8.18 31.79
CA VAL D 129 9.77 -8.63 33.00
C VAL D 129 10.54 -9.51 34.02
N THR D 130 9.81 -10.38 34.72
CA THR D 130 10.27 -11.23 35.81
C THR D 130 10.84 -10.49 37.07
N PHE D 131 11.04 -9.17 36.99
CA PHE D 131 11.53 -8.39 38.14
C PHE D 131 10.80 -7.06 38.43
N ASP D 135 10.47 -6.27 37.41
CA ASP D 135 10.62 -6.62 36.00
C ASP D 135 11.00 -5.43 35.10
N GLN D 136 12.20 -5.45 34.53
CA GLN D 136 12.63 -4.28 33.77
C GLN D 136 12.50 -4.48 32.28
N GLN D 137 12.65 -3.38 31.56
CA GLN D 137 12.56 -3.29 30.10
C GLN D 137 13.43 -2.13 29.58
N ASN D 138 14.07 -2.29 28.43
CA ASN D 138 14.82 -1.16 27.95
C ASN D 138 13.86 -0.32 27.10
N CYS D 139 13.47 -0.80 25.92
CA CYS D 139 12.53 -0.08 25.04
C CYS D 139 12.92 1.37 24.69
N LYS D 140 13.98 1.56 23.93
CA LYS D 140 14.43 2.87 23.49
C LYS D 140 13.94 3.20 22.07
N MET D 141 13.75 4.47 21.75
CA MET D 141 13.42 4.83 20.38
C MET D 141 14.42 5.84 19.78
N LYS D 142 15.15 5.41 18.74
CA LYS D 142 16.23 6.22 18.16
C LYS D 142 15.82 6.89 16.83
N PHE D 143 15.64 8.21 16.88
CA PHE D 143 15.27 9.04 15.73
C PHE D 143 16.37 9.88 15.03
N GLY D 144 16.29 10.04 13.70
CA GLY D 144 17.20 10.95 12.98
C GLY D 144 17.07 11.19 11.48
N SER D 145 17.74 12.20 10.94
CA SER D 145 17.85 12.30 9.49
C SER D 145 18.62 11.09 8.97
N TRP D 146 18.14 10.48 7.90
CA TRP D 146 18.81 9.32 7.36
C TRP D 146 19.94 9.67 6.43
N THR D 147 19.71 10.66 5.59
CA THR D 147 20.71 11.00 4.60
C THR D 147 21.49 12.29 4.85
N TYR D 148 20.92 13.18 5.65
CA TYR D 148 21.60 14.44 5.87
C TYR D 148 22.37 14.35 7.17
N ASP D 149 23.68 14.52 7.10
CA ASP D 149 24.46 14.54 8.32
C ASP D 149 24.52 15.95 8.94
N LYS D 150 25.22 16.04 10.08
CA LYS D 150 25.27 17.23 10.92
C LYS D 150 25.64 18.47 10.17
N ALA D 151 26.43 18.31 9.12
CA ALA D 151 26.84 19.44 8.31
C ALA D 151 25.62 20.05 7.63
N LYS D 152 24.79 19.19 7.05
CA LYS D 152 23.61 19.65 6.33
C LYS D 152 22.36 19.89 7.18
N ILE D 153 22.08 18.99 8.12
CA ILE D 153 20.96 19.19 9.06
C ILE D 153 21.29 18.69 10.44
N ASP D 154 20.91 19.45 11.48
CA ASP D 154 21.16 19.04 12.88
C ASP D 154 19.99 19.36 13.83
N LEU D 155 19.83 18.55 14.88
CA LEU D 155 18.64 18.60 15.73
C LEU D 155 18.86 19.19 17.12
N GLU D 156 18.04 20.17 17.50
CA GLU D 156 18.04 20.63 18.88
C GLU D 156 16.72 20.18 19.45
N GLN D 157 16.75 19.57 20.64
CA GLN D 157 15.57 19.00 21.25
C GLN D 157 14.56 20.05 21.74
N MET D 158 13.30 19.92 21.34
CA MET D 158 12.30 20.72 22.01
C MET D 158 12.54 20.09 23.36
N GLU D 159 12.76 20.89 24.38
CA GLU D 159 13.04 20.32 25.68
C GLU D 159 11.94 19.37 26.09
N GLN D 160 12.30 18.31 26.82
CA GLN D 160 11.29 17.37 27.31
C GLN D 160 10.67 18.04 28.53
N THR D 161 11.04 19.32 28.70
CA THR D 161 10.39 20.25 29.63
C THR D 161 8.96 20.52 29.13
N VAL D 162 8.80 20.78 27.82
CA VAL D 162 7.46 20.81 27.28
C VAL D 162 7.11 19.33 27.20
N ASP D 163 6.14 18.94 28.02
CA ASP D 163 5.99 17.55 28.39
C ASP D 163 5.67 16.67 27.18
N LEU D 164 6.48 15.64 26.99
CA LEU D 164 6.18 14.61 26.00
C LEU D 164 4.98 13.78 26.44
N LYS D 165 4.58 13.90 27.70
CA LYS D 165 3.57 13.00 28.32
C LYS D 165 2.12 13.49 28.55
N ASP D 166 1.84 14.75 28.19
CA ASP D 166 0.57 15.44 28.47
C ASP D 166 -0.67 14.67 28.03
N TYR D 167 -0.52 14.00 26.90
CA TYR D 167 -1.57 13.30 26.23
C TYR D 167 -1.55 11.84 26.57
N TRP D 168 -0.73 11.44 27.54
CA TRP D 168 -0.51 10.01 27.75
C TRP D 168 -1.58 9.36 28.60
N GLU D 169 -2.31 8.46 27.93
CA GLU D 169 -3.35 7.64 28.54
C GLU D 169 -2.80 6.26 28.88
N SER D 170 -2.82 5.89 30.15
CA SER D 170 -2.12 4.69 30.62
C SER D 170 -2.86 3.37 30.34
N GLY D 171 -2.33 2.46 29.51
CA GLY D 171 -3.02 1.18 29.41
C GLY D 171 -2.84 0.04 30.42
N GLU D 172 -1.84 -0.84 30.19
CA GLU D 172 -1.51 -1.97 31.11
C GLU D 172 -0.12 -1.92 31.73
N TRP D 173 0.66 -0.98 31.22
CA TRP D 173 2.03 -0.84 31.62
C TRP D 173 2.32 0.56 32.01
N ALA D 174 3.59 0.84 32.23
CA ALA D 174 3.90 1.99 33.02
C ALA D 174 4.37 3.24 32.32
N ILE D 175 5.63 3.23 31.88
CA ILE D 175 6.28 4.46 31.49
C ILE D 175 6.34 5.35 32.75
N VAL D 176 7.29 5.05 33.62
CA VAL D 176 7.48 5.86 34.80
C VAL D 176 8.50 6.97 34.50
N ASN D 177 9.73 6.59 34.17
CA ASN D 177 10.71 7.58 33.72
C ASN D 177 11.13 7.30 32.30
N ALA D 178 10.99 8.32 31.47
CA ALA D 178 11.41 8.23 30.08
C ALA D 178 12.16 9.52 29.71
N THR D 179 13.39 9.42 29.23
CA THR D 179 14.20 10.61 28.96
C THR D 179 14.85 10.62 27.56
N GLY D 180 14.73 11.73 26.83
CA GLY D 180 15.46 11.84 25.57
C GLY D 180 16.83 12.50 25.66
N THR D 181 17.77 12.01 24.87
CA THR D 181 19.14 12.54 24.84
C THR D 181 19.76 12.56 23.43
N TYR D 182 20.35 13.70 23.09
CA TYR D 182 21.07 13.95 21.83
C TYR D 182 22.40 13.19 21.67
N ASN D 183 22.63 12.62 20.48
CA ASN D 183 23.91 12.04 20.11
C ASN D 183 24.46 12.50 18.75
N SER D 184 25.72 12.15 18.53
CA SER D 184 26.40 12.42 17.30
C SER D 184 27.38 11.30 17.12
N LYS D 185 27.47 10.78 15.91
CA LYS D 185 28.26 9.57 15.71
C LYS D 185 28.77 9.56 14.27
N LYS D 186 29.82 8.78 14.03
CA LYS D 186 30.18 8.36 12.69
C LYS D 186 29.84 6.88 12.50
N TYR D 187 29.29 6.54 11.35
CA TYR D 187 28.97 5.16 11.05
C TYR D 187 29.99 4.67 10.05
N ASP D 188 30.36 3.40 10.15
CA ASP D 188 31.47 2.90 9.35
C ASP D 188 31.16 2.83 7.84
N CYS D 189 29.89 3.02 7.49
CA CYS D 189 29.45 2.92 6.12
C CYS D 189 29.78 4.20 5.43
N CYS D 190 29.75 5.25 6.23
CA CYS D 190 29.62 6.59 5.72
C CYS D 190 30.51 7.63 6.42
N ALA D 191 31.21 8.41 5.62
CA ALA D 191 32.28 9.30 6.07
C ALA D 191 31.85 10.48 6.97
N GLU D 192 30.59 10.89 6.88
CA GLU D 192 30.14 12.09 7.61
C GLU D 192 29.68 11.79 9.03
N ILE D 193 29.26 12.83 9.77
CA ILE D 193 28.77 12.65 11.14
C ILE D 193 27.28 12.96 11.35
N TYR D 194 26.54 11.98 11.85
CA TYR D 194 25.07 12.10 11.91
C TYR D 194 24.48 12.13 13.32
N PRO D 195 23.86 13.26 13.68
CA PRO D 195 23.20 13.45 14.97
C PRO D 195 21.88 12.70 15.06
N ASP D 196 21.54 12.17 16.26
CA ASP D 196 20.22 11.56 16.50
C ASP D 196 19.71 11.90 17.89
N VAL D 197 18.41 11.73 18.13
CA VAL D 197 17.84 11.86 19.46
C VAL D 197 17.15 10.56 19.88
N THR D 198 17.73 9.90 20.89
CA THR D 198 17.13 8.69 21.42
C THR D 198 16.30 9.02 22.66
N TYR D 199 15.13 8.41 22.76
CA TYR D 199 14.28 8.61 23.91
C TYR D 199 14.22 7.26 24.59
N ALA D 200 14.52 7.22 25.89
CA ALA D 200 14.59 5.96 26.62
C ALA D 200 13.42 5.86 27.58
N PHE D 201 12.71 4.74 27.54
CA PHE D 201 11.57 4.61 28.41
C PHE D 201 11.78 3.52 29.44
N VAL D 202 11.12 3.65 30.58
CA VAL D 202 11.05 2.54 31.53
C VAL D 202 9.58 2.31 31.92
N ILE D 203 9.14 1.07 31.74
CA ILE D 203 7.76 0.65 31.98
C ILE D 203 7.70 -0.57 32.91
N ARG D 204 7.09 -0.43 34.07
CA ARG D 204 7.08 -1.50 35.07
C ARG D 204 5.82 -2.35 35.10
N ARG D 205 4.91 -2.11 34.17
CA ARG D 205 3.64 -2.82 34.09
C ARG D 205 2.87 -2.61 35.37
N LEU D 206 3.25 -1.54 36.06
CA LEU D 206 3.06 -1.37 37.50
C LEU D 206 1.64 -1.71 37.93
N PRO D 207 1.55 -2.53 39.00
CA PRO D 207 0.26 -2.99 39.47
C PRO D 207 -0.38 -1.81 40.16
N HIS D 208 -1.36 -1.27 39.67
N GLU E 1 24.16 30.30 -8.66
CA GLU E 1 24.55 30.71 -7.31
C GLU E 1 23.92 29.81 -6.22
N ASP E 2 22.77 29.25 -6.58
CA ASP E 2 21.95 28.46 -5.70
C ASP E 2 22.06 27.00 -6.14
N ARG E 3 21.98 26.07 -5.18
CA ARG E 3 21.95 24.64 -5.49
C ARG E 3 20.88 24.27 -6.49
N LEU E 4 19.78 25.01 -6.48
CA LEU E 4 18.67 24.73 -7.39
C LEU E 4 19.13 24.94 -8.83
N PHE E 5 20.16 25.75 -9.05
CA PHE E 5 20.66 25.87 -10.40
C PHE E 5 21.31 24.53 -10.79
N LYS E 6 21.95 23.86 -9.82
CA LYS E 6 22.63 22.56 -10.06
C LYS E 6 21.66 21.42 -10.18
N HIS E 7 20.55 21.49 -9.47
CA HIS E 7 19.57 20.43 -9.63
C HIS E 7 19.17 20.39 -11.10
N LEU E 8 18.84 21.56 -11.65
CA LEU E 8 18.32 21.64 -13.02
C LEU E 8 19.34 21.06 -13.99
N PHE E 9 20.48 21.73 -14.13
CA PHE E 9 21.55 21.20 -14.95
C PHE E 9 21.83 19.69 -14.78
N ARG E 10 21.63 19.10 -13.60
CA ARG E 10 21.90 17.68 -13.54
C ARG E 10 20.72 16.86 -14.06
N GLY E 11 19.50 17.20 -13.66
CA GLY E 11 18.29 16.44 -14.03
C GLY E 11 17.79 16.64 -15.45
N TYR E 12 18.15 17.79 -16.01
CA TYR E 12 17.62 18.31 -17.28
C TYR E 12 17.72 17.36 -18.47
N ASN E 13 18.92 16.82 -18.61
CA ASN E 13 19.30 15.95 -19.70
C ASN E 13 19.02 14.47 -19.46
N ARG E 14 18.85 14.15 -18.19
CA ARG E 14 18.95 12.79 -17.71
C ARG E 14 17.81 11.81 -17.91
N TRP E 15 18.18 10.58 -18.23
CA TRP E 15 17.27 9.43 -18.28
C TRP E 15 17.60 8.44 -17.14
N ALA E 16 16.62 8.18 -16.28
CA ALA E 16 16.78 7.24 -15.18
C ALA E 16 16.82 5.80 -15.69
N ARG E 17 16.21 5.57 -16.86
CA ARG E 17 16.05 4.23 -17.47
C ARG E 17 17.32 3.53 -17.95
N PRO E 18 18.18 4.25 -18.68
CA PRO E 18 19.42 3.65 -19.13
C PRO E 18 20.49 3.69 -18.03
N VAL E 19 21.27 2.63 -17.97
CA VAL E 19 22.34 2.47 -16.99
C VAL E 19 23.22 3.66 -17.21
N PRO E 20 23.72 4.29 -16.15
CA PRO E 20 24.35 5.58 -16.46
C PRO E 20 25.73 5.34 -17.04
N ASN E 21 25.73 4.84 -18.26
CA ASN E 21 26.96 4.49 -18.92
C ASN E 21 27.36 5.26 -20.17
N THR E 22 28.64 5.11 -20.45
CA THR E 22 29.36 5.64 -21.57
C THR E 22 29.31 4.64 -22.73
N SER E 23 29.81 3.43 -22.48
CA SER E 23 29.75 2.35 -23.44
C SER E 23 29.28 1.02 -22.78
N ASP E 24 30.09 0.49 -21.84
CA ASP E 24 29.83 -0.79 -21.13
C ASP E 24 30.14 -0.88 -19.59
N VAL E 25 29.38 -1.73 -18.88
CA VAL E 25 29.62 -2.24 -17.48
C VAL E 25 29.71 -1.35 -16.18
N VAL E 26 28.55 -1.12 -15.54
CA VAL E 26 28.47 -0.50 -14.19
C VAL E 26 28.90 -1.41 -13.04
N ILE E 27 29.83 -0.93 -12.19
CA ILE E 27 30.30 -1.65 -11.00
C ILE E 27 29.79 -1.18 -9.64
N VAL E 28 29.15 -2.06 -8.86
CA VAL E 28 28.66 -1.64 -7.54
C VAL E 28 29.40 -2.23 -6.34
N ARG E 29 30.02 -1.34 -5.57
CA ARG E 29 30.53 -1.77 -4.27
C ARG E 29 29.27 -1.94 -3.45
N PHE E 30 29.15 -3.11 -2.88
CA PHE E 30 27.91 -3.50 -2.25
C PHE E 30 28.21 -4.00 -0.82
N GLY E 31 27.55 -3.42 0.18
CA GLY E 31 27.81 -3.88 1.52
C GLY E 31 26.65 -3.77 2.49
N LEU E 32 26.62 -4.72 3.42
CA LEU E 32 25.54 -4.85 4.35
C LEU E 32 25.85 -4.34 5.78
N SER E 33 24.92 -3.57 6.36
CA SER E 33 24.95 -3.19 7.78
C SER E 33 23.78 -3.79 8.44
N ILE E 34 23.95 -4.29 9.67
CA ILE E 34 22.81 -4.90 10.34
C ILE E 34 22.36 -4.18 11.60
N ALA E 35 21.17 -3.62 11.53
CA ALA E 35 20.62 -2.90 12.66
C ALA E 35 19.95 -3.87 13.61
N GLN E 36 19.27 -4.88 13.07
CA GLN E 36 18.50 -5.76 13.92
C GLN E 36 18.32 -7.17 13.44
N LEU E 37 18.30 -8.07 14.42
CA LEU E 37 17.78 -9.41 14.24
C LEU E 37 16.40 -9.32 14.86
N ILE E 38 15.35 -9.19 14.06
CA ILE E 38 14.05 -8.87 14.66
C ILE E 38 13.33 -10.05 15.25
N ASP E 39 13.27 -11.11 14.47
CA ASP E 39 12.54 -12.29 14.86
C ASP E 39 13.06 -13.48 14.07
N VAL E 40 13.14 -14.64 14.70
CA VAL E 40 13.35 -15.87 13.92
C VAL E 40 12.34 -16.91 14.35
N ASP E 41 11.38 -17.21 13.51
CA ASP E 41 10.35 -18.14 13.92
C ASP E 41 10.33 -19.43 13.11
N GLU E 42 10.04 -20.52 13.80
CA GLU E 42 10.09 -21.84 13.20
C GLU E 42 8.81 -22.14 12.48
N LYS E 43 7.70 -21.79 13.11
CA LYS E 43 6.42 -21.98 12.48
C LYS E 43 6.55 -21.62 10.99
N ASN E 44 6.81 -20.35 10.76
CA ASN E 44 6.84 -19.80 9.41
C ASN E 44 8.11 -20.03 8.61
N GLN E 45 9.14 -20.55 9.25
CA GLN E 45 10.31 -20.97 8.52
C GLN E 45 11.16 -19.81 7.97
N MET E 46 11.13 -18.65 8.64
CA MET E 46 11.81 -17.45 8.15
C MET E 46 12.54 -16.65 9.23
N MET E 47 13.35 -15.71 8.79
CA MET E 47 14.14 -14.86 9.66
C MET E 47 13.77 -13.41 9.37
N THR E 48 13.68 -12.56 10.38
CA THR E 48 13.38 -11.16 10.13
C THR E 48 14.48 -10.20 10.50
N THR E 49 14.93 -9.41 9.52
CA THR E 49 16.04 -8.52 9.73
C THR E 49 15.76 -7.10 9.30
N ASN E 50 16.42 -6.18 10.00
CA ASN E 50 16.51 -4.76 9.68
C ASN E 50 17.92 -4.48 9.24
N VAL E 51 18.08 -4.27 7.93
CA VAL E 51 19.40 -4.15 7.35
C VAL E 51 19.55 -2.87 6.57
N TRP E 52 20.79 -2.50 6.36
CA TRP E 52 21.14 -1.35 5.55
C TRP E 52 21.90 -1.90 4.34
N LEU E 53 21.38 -1.64 3.15
CA LEU E 53 22.06 -2.05 1.93
C LEU E 53 22.91 -0.90 1.46
N LYS E 54 24.20 -0.91 1.76
CA LYS E 54 25.04 0.15 1.26
C LYS E 54 25.39 -0.14 -0.18
N GLN E 55 25.12 0.84 -1.04
CA GLN E 55 25.43 0.68 -2.43
C GLN E 55 26.22 1.84 -2.91
N GLU E 56 27.17 1.56 -3.78
CA GLU E 56 27.93 2.64 -4.36
C GLU E 56 28.27 2.33 -5.80
N TRP E 57 28.00 3.28 -6.68
CA TRP E 57 28.37 3.16 -8.10
C TRP E 57 28.63 4.56 -8.62
N SER E 58 29.09 4.64 -9.86
CA SER E 58 29.44 5.95 -10.41
C SER E 58 28.50 6.22 -11.57
N ASP E 59 27.89 7.40 -11.52
CA ASP E 59 27.01 7.85 -12.59
C ASP E 59 27.71 8.87 -13.46
N TYR E 60 27.97 8.47 -14.70
CA TYR E 60 28.69 9.31 -15.64
C TYR E 60 27.96 10.61 -15.98
N LYS E 61 26.65 10.49 -16.15
CA LYS E 61 25.83 11.59 -16.58
C LYS E 61 25.69 12.67 -15.52
N LEU E 62 26.05 12.33 -14.29
CA LEU E 62 25.89 13.21 -13.10
C LEU E 62 27.14 13.96 -12.57
N ARG E 63 28.23 13.94 -13.31
CA ARG E 63 29.42 14.65 -12.89
C ARG E 63 29.30 16.16 -13.15
N TRP E 64 29.89 16.97 -12.26
CA TRP E 64 29.99 18.42 -12.46
C TRP E 64 31.24 18.87 -11.75
N ASN E 65 31.68 20.10 -12.00
CA ASN E 65 32.82 20.69 -11.28
C ASN E 65 32.37 21.72 -10.24
N PRO E 66 32.66 21.48 -8.96
CA PRO E 66 32.05 22.25 -7.87
C PRO E 66 32.14 23.77 -7.98
N THR E 67 33.17 24.27 -8.63
CA THR E 67 33.35 25.70 -8.78
C THR E 67 32.15 26.37 -9.45
N ASP E 68 31.46 25.60 -10.28
CA ASP E 68 30.27 26.02 -11.03
C ASP E 68 29.03 26.05 -10.13
N PHE E 69 29.18 25.53 -8.90
CA PHE E 69 28.08 25.41 -7.94
C PHE E 69 28.47 26.27 -6.73
N GLY E 70 29.58 25.93 -6.10
CA GLY E 70 30.01 26.63 -4.92
C GLY E 70 31.05 25.80 -4.23
N ASN E 71 31.47 26.24 -3.05
CA ASN E 71 32.49 25.53 -2.30
C ASN E 71 31.98 24.18 -1.72
N ILE E 72 30.70 23.87 -1.93
CA ILE E 72 30.14 22.58 -1.50
C ILE E 72 30.13 21.58 -2.70
N THR E 73 30.61 20.36 -2.43
CA THR E 73 30.83 19.31 -3.44
C THR E 73 29.81 18.18 -3.57
N SER E 74 28.76 18.18 -2.75
CA SER E 74 27.81 17.10 -2.78
C SER E 74 26.40 17.50 -2.38
N LEU E 75 25.41 17.02 -3.11
CA LEU E 75 24.05 17.25 -2.69
C LEU E 75 23.30 15.92 -2.54
N ARG E 76 22.18 15.96 -1.83
CA ARG E 76 21.41 14.74 -1.65
C ARG E 76 20.21 14.69 -2.61
N VAL E 77 20.19 13.72 -3.49
CA VAL E 77 19.13 13.69 -4.44
C VAL E 77 18.23 12.53 -4.20
N PRO E 78 16.99 12.64 -4.66
CA PRO E 78 15.97 11.60 -4.52
C PRO E 78 16.34 10.30 -5.22
N SER E 79 16.16 9.18 -4.52
CA SER E 79 16.51 7.91 -5.16
C SER E 79 15.54 7.59 -6.28
N GLU E 80 14.32 8.17 -6.28
CA GLU E 80 13.40 7.93 -7.41
C GLU E 80 13.82 8.69 -8.66
N MET E 81 14.60 9.74 -8.50
CA MET E 81 15.00 10.56 -9.65
C MET E 81 16.17 10.03 -10.44
N ILE E 82 17.10 9.34 -9.84
CA ILE E 82 18.25 8.87 -10.57
C ILE E 82 18.08 7.40 -10.96
N TRP E 83 19.02 6.88 -11.73
CA TRP E 83 19.03 5.46 -12.02
C TRP E 83 19.62 4.81 -10.80
N ILE E 84 18.96 3.77 -10.31
CA ILE E 84 19.48 2.99 -9.20
C ILE E 84 19.36 1.55 -9.66
N PRO E 85 20.20 0.66 -9.11
CA PRO E 85 20.26 -0.76 -9.45
C PRO E 85 18.94 -1.52 -9.09
N ASP E 86 18.61 -2.58 -9.84
CA ASP E 86 17.38 -3.33 -9.59
C ASP E 86 17.64 -4.49 -8.61
N ILE E 87 18.56 -4.28 -7.67
CA ILE E 87 18.89 -5.32 -6.71
C ILE E 87 17.69 -5.81 -5.85
N VAL E 88 17.52 -7.13 -5.82
CA VAL E 88 16.45 -7.84 -5.13
C VAL E 88 16.96 -8.85 -4.12
N LEU E 89 16.12 -9.24 -3.13
CA LEU E 89 16.44 -10.37 -2.26
C LEU E 89 15.86 -11.65 -2.81
N TYR E 90 16.71 -12.53 -3.33
CA TYR E 90 16.22 -13.69 -4.06
C TYR E 90 15.31 -14.60 -3.20
N ASN E 91 15.74 -14.88 -1.96
CA ASN E 91 15.09 -15.91 -1.14
C ASN E 91 13.99 -15.30 -0.29
N ASN E 92 12.79 -15.61 -0.77
CA ASN E 92 11.54 -15.04 -0.37
C ASN E 92 11.50 -13.51 -0.49
N ALA E 93 10.35 -12.93 -0.20
CA ALA E 93 10.22 -11.59 0.33
C ALA E 93 8.82 -11.55 0.94
N ASP E 94 8.66 -11.69 2.24
CA ASP E 94 7.29 -11.68 2.72
C ASP E 94 7.00 -10.33 3.21
N GLY E 95 8.06 -9.54 3.30
CA GLY E 95 7.91 -8.11 3.30
C GLY E 95 7.93 -7.73 1.84
N GLU E 96 9.12 -7.78 1.28
CA GLU E 96 9.35 -7.22 -0.03
C GLU E 96 10.63 -7.72 -0.69
N PHE E 97 10.70 -7.60 -2.01
CA PHE E 97 11.90 -7.98 -2.73
C PHE E 97 12.89 -6.82 -2.67
N ALA E 98 12.57 -5.69 -3.29
CA ALA E 98 13.50 -4.56 -3.29
C ALA E 98 13.41 -3.76 -2.00
N VAL E 99 14.20 -2.71 -1.91
CA VAL E 99 14.21 -1.83 -0.75
C VAL E 99 13.10 -0.82 -0.98
N THR E 100 12.16 -0.80 -0.07
CA THR E 100 10.97 0.00 -0.26
C THR E 100 10.89 1.35 0.40
N HIS E 101 11.96 1.99 0.86
CA HIS E 101 11.63 3.16 1.64
C HIS E 101 11.06 4.28 0.77
N MET E 102 11.84 4.91 -0.10
CA MET E 102 13.26 4.77 -0.22
C MET E 102 13.89 6.12 -0.01
N THR E 103 15.02 6.13 0.69
CA THR E 103 15.72 7.35 1.04
C THR E 103 16.49 8.01 -0.09
N LYS E 104 17.09 9.16 0.21
CA LYS E 104 17.90 9.96 -0.72
C LYS E 104 19.21 9.28 -1.00
N ALA E 105 19.84 9.68 -2.10
CA ALA E 105 21.20 9.26 -2.42
C ALA E 105 22.08 10.45 -2.19
N HIS E 106 23.32 10.18 -1.79
CA HIS E 106 24.29 11.23 -1.56
C HIS E 106 25.16 11.26 -2.75
N LEU E 107 25.04 12.33 -3.53
CA LEU E 107 25.74 12.39 -4.78
C LEU E 107 26.96 13.26 -4.65
N PHE E 108 28.07 12.79 -5.18
CA PHE E 108 29.32 13.53 -5.11
C PHE E 108 29.65 14.08 -6.48
N SER E 109 30.22 15.29 -6.51
CA SER E 109 30.51 15.96 -7.77
C SER E 109 31.33 15.09 -8.72
N THR E 110 32.03 14.11 -8.15
CA THR E 110 32.84 13.18 -8.94
C THR E 110 31.95 12.23 -9.70
N GLY E 111 30.66 12.24 -9.40
CA GLY E 111 29.75 11.35 -10.07
C GLY E 111 29.50 10.08 -9.25
N THR E 112 29.98 10.08 -8.01
CA THR E 112 29.86 8.88 -7.22
C THR E 112 28.59 8.93 -6.45
N VAL E 113 27.86 7.83 -6.52
CA VAL E 113 26.57 7.68 -5.86
C VAL E 113 26.70 6.78 -4.63
N HIS E 114 26.24 7.26 -3.48
CA HIS E 114 26.10 6.39 -2.33
C HIS E 114 24.66 6.27 -1.95
N TRP E 115 24.09 5.10 -2.17
CA TRP E 115 22.73 4.90 -1.71
C TRP E 115 22.70 3.78 -0.67
N VAL E 116 22.15 4.12 0.50
CA VAL E 116 22.11 3.22 1.65
C VAL E 116 20.75 3.19 2.35
N PRO E 117 19.73 2.66 1.68
CA PRO E 117 18.42 2.72 2.32
C PRO E 117 18.26 1.70 3.47
N PRO E 118 17.42 2.03 4.46
CA PRO E 118 17.05 1.02 5.42
C PRO E 118 16.06 -0.01 4.83
N ALA E 119 16.08 -1.22 5.38
CA ALA E 119 15.19 -2.27 4.93
C ALA E 119 14.87 -3.27 6.03
N ILE E 120 13.66 -3.80 5.97
CA ILE E 120 13.23 -4.90 6.80
C ILE E 120 12.95 -6.08 5.88
N TYR E 121 13.81 -7.09 5.94
CA TYR E 121 13.66 -8.24 5.05
C TYR E 121 13.15 -9.48 5.79
N LYS E 122 12.24 -10.20 5.14
CA LYS E 122 11.79 -11.46 5.68
C LYS E 122 12.26 -12.49 4.67
N SER E 123 13.15 -13.35 5.14
CA SER E 123 13.94 -14.19 4.27
C SER E 123 13.88 -15.60 4.76
N SER E 124 13.84 -16.51 3.80
CA SER E 124 13.65 -17.91 4.09
C SER E 124 14.87 -18.51 4.67
N CYS E 125 14.63 -19.50 5.51
CA CYS E 125 15.70 -20.16 6.18
C CYS E 125 15.18 -21.52 6.59
N SER E 126 16.08 -22.39 7.03
CA SER E 126 15.71 -23.72 7.45
C SER E 126 16.03 -23.65 8.91
N ILE E 127 14.97 -23.61 9.69
CA ILE E 127 15.06 -23.21 11.05
C ILE E 127 15.21 -24.34 12.02
N ASP E 128 16.47 -24.54 12.36
CA ASP E 128 16.94 -25.37 13.45
C ASP E 128 16.11 -26.63 13.75
N VAL E 129 15.89 -26.83 15.02
CA VAL E 129 15.19 -27.96 15.55
C VAL E 129 14.91 -27.54 16.97
N THR E 130 14.59 -28.51 17.81
CA THR E 130 14.41 -28.27 19.22
C THR E 130 15.83 -28.21 19.78
N PHE E 131 16.45 -29.38 19.88
CA PHE E 131 17.86 -29.52 20.24
C PHE E 131 18.37 -28.59 21.32
N PHE E 132 17.66 -28.51 22.44
CA PHE E 132 18.15 -27.78 23.62
C PHE E 132 18.29 -26.29 23.33
N PRO E 133 18.58 -25.50 24.36
CA PRO E 133 18.85 -24.08 24.19
C PRO E 133 19.90 -23.88 23.15
N PHE E 134 20.82 -24.84 23.01
CA PHE E 134 21.89 -24.68 22.05
C PHE E 134 21.43 -25.28 20.69
N ASP E 135 20.94 -24.43 19.80
CA ASP E 135 20.61 -24.79 18.42
C ASP E 135 20.92 -23.57 17.57
N GLN E 136 21.78 -23.74 16.59
CA GLN E 136 22.26 -22.62 15.80
C GLN E 136 21.88 -22.77 14.35
N GLN E 137 21.99 -21.67 13.59
CA GLN E 137 21.59 -21.71 12.17
C GLN E 137 22.36 -20.78 11.22
N ASN E 138 22.55 -21.27 10.01
CA ASN E 138 23.12 -20.53 8.88
C ASN E 138 22.31 -19.33 8.40
N CYS E 139 21.08 -19.54 7.95
CA CYS E 139 20.26 -18.41 7.47
C CYS E 139 20.98 -17.46 6.51
N LYS E 140 20.87 -17.79 5.24
CA LYS E 140 21.46 -17.02 4.16
C LYS E 140 20.54 -15.89 3.67
N MET E 141 21.12 -14.81 3.16
CA MET E 141 20.37 -13.75 2.43
C MET E 141 21.02 -13.54 1.05
N LYS E 142 20.27 -13.80 -0.03
CA LYS E 142 20.83 -13.75 -1.38
C LYS E 142 20.39 -12.54 -2.22
N PHE E 143 21.33 -11.62 -2.42
CA PHE E 143 21.11 -10.43 -3.23
C PHE E 143 21.76 -10.45 -4.62
N GLY E 144 21.09 -9.84 -5.60
CA GLY E 144 21.68 -9.62 -6.90
C GLY E 144 20.73 -8.84 -7.77
N SER E 145 21.23 -8.21 -8.84
CA SER E 145 20.37 -7.50 -9.80
C SER E 145 19.44 -8.48 -10.49
N TRP E 146 18.18 -8.08 -10.66
CA TRP E 146 17.20 -8.98 -11.22
C TRP E 146 17.18 -9.01 -12.75
N THR E 147 17.29 -7.86 -13.39
CA THR E 147 17.24 -7.81 -14.86
C THR E 147 18.57 -7.59 -15.61
N TYR E 148 19.57 -7.06 -14.94
CA TYR E 148 20.87 -6.75 -15.56
C TYR E 148 21.91 -7.86 -15.29
N ASP E 149 22.49 -8.43 -16.35
CA ASP E 149 23.53 -9.46 -16.17
C ASP E 149 24.93 -8.86 -16.01
N LYS E 150 25.93 -9.72 -15.79
CA LYS E 150 27.30 -9.30 -15.50
C LYS E 150 27.94 -8.37 -16.55
N ALA E 151 27.48 -8.45 -17.79
CA ALA E 151 27.95 -7.54 -18.86
C ALA E 151 27.53 -6.11 -18.58
N LYS E 152 26.28 -5.99 -18.15
CA LYS E 152 25.65 -4.73 -17.83
C LYS E 152 25.96 -4.20 -16.41
N ILE E 153 25.93 -5.10 -15.43
CA ILE E 153 26.22 -4.74 -14.04
C ILE E 153 27.00 -5.80 -13.33
N ASP E 154 27.93 -5.40 -12.48
CA ASP E 154 28.60 -6.38 -11.63
C ASP E 154 28.84 -5.84 -10.22
N LEU E 155 28.80 -6.74 -9.25
CA LEU E 155 28.90 -6.32 -7.86
C LEU E 155 30.26 -6.69 -7.26
N GLU E 156 30.94 -5.70 -6.72
CA GLU E 156 32.14 -6.02 -5.99
C GLU E 156 31.84 -5.76 -4.53
N GLN E 157 32.21 -6.72 -3.70
CA GLN E 157 31.94 -6.66 -2.28
C GLN E 157 32.78 -5.59 -1.65
N MET E 158 32.12 -4.76 -0.88
CA MET E 158 32.78 -3.75 -0.09
C MET E 158 33.75 -4.45 0.83
N GLU E 159 34.84 -3.79 1.15
CA GLU E 159 35.82 -4.29 2.11
C GLU E 159 35.12 -4.63 3.43
N GLN E 160 33.79 -4.52 3.41
CA GLN E 160 32.94 -4.69 4.57
C GLN E 160 33.22 -3.43 5.37
N THR E 161 33.61 -2.42 4.61
CA THR E 161 33.77 -1.04 5.08
C THR E 161 32.45 -0.49 5.59
N VAL E 162 31.35 -0.70 4.86
CA VAL E 162 30.08 -0.38 5.49
C VAL E 162 29.98 -1.53 6.47
N ASP E 163 30.12 -1.17 7.75
CA ASP E 163 30.41 -2.17 8.77
C ASP E 163 29.29 -3.15 8.91
N LEU E 164 29.57 -4.45 8.85
CA LEU E 164 28.46 -5.33 9.03
C LEU E 164 27.88 -5.16 10.44
N LYS E 165 28.75 -5.21 11.45
CA LYS E 165 28.31 -5.27 12.84
C LYS E 165 28.41 -4.14 13.90
N ASP E 166 29.02 -3.00 13.57
CA ASP E 166 29.31 -1.95 14.57
C ASP E 166 28.02 -1.40 15.16
N TYR E 167 27.05 -1.09 14.31
CA TYR E 167 25.79 -0.65 14.86
C TYR E 167 24.79 -1.76 14.77
N TRP E 168 24.64 -2.45 15.87
CA TRP E 168 23.74 -3.57 15.95
C TRP E 168 23.18 -3.61 17.36
N GLU E 169 21.88 -3.38 17.53
CA GLU E 169 21.27 -3.54 18.85
C GLU E 169 20.69 -4.95 18.95
N SER E 170 21.01 -5.63 20.05
CA SER E 170 20.82 -7.08 20.11
C SER E 170 19.38 -7.52 20.25
N GLY E 171 18.78 -7.35 21.43
CA GLY E 171 17.34 -7.44 21.57
C GLY E 171 16.63 -8.76 21.29
N GLU E 172 17.18 -9.59 20.41
CA GLU E 172 16.54 -10.88 20.14
C GLU E 172 17.45 -12.11 20.34
N TRP E 173 18.32 -12.43 19.37
CA TRP E 173 19.24 -13.56 19.59
C TRP E 173 20.73 -13.45 19.39
N ALA E 174 21.19 -13.64 18.16
CA ALA E 174 22.61 -13.89 18.04
C ALA E 174 23.44 -13.13 17.04
N ILE E 175 23.48 -13.64 15.82
CA ILE E 175 24.41 -13.11 14.83
C ILE E 175 25.84 -13.21 15.41
N VAL E 176 26.52 -14.34 15.34
CA VAL E 176 27.85 -14.40 15.96
C VAL E 176 28.90 -13.90 15.00
N ASN E 177 29.00 -14.55 13.85
CA ASN E 177 29.78 -14.07 12.73
C ASN E 177 28.95 -14.32 11.50
N ALA E 178 28.83 -13.32 10.64
CA ALA E 178 28.04 -13.44 9.42
C ALA E 178 28.93 -13.13 8.22
N THR E 179 28.88 -14.02 7.22
CA THR E 179 29.85 -14.05 6.15
C THR E 179 29.28 -13.83 4.76
N GLY E 180 29.78 -12.82 4.07
CA GLY E 180 29.45 -12.65 2.66
C GLY E 180 30.46 -13.22 1.67
N THR E 181 29.95 -13.75 0.56
CA THR E 181 30.78 -14.20 -0.56
C THR E 181 30.11 -14.01 -1.93
N TYR E 182 30.84 -13.41 -2.87
CA TYR E 182 30.39 -13.21 -4.25
C TYR E 182 30.18 -14.52 -4.99
N ASN E 183 29.11 -14.60 -5.77
CA ASN E 183 28.89 -15.73 -6.65
C ASN E 183 28.47 -15.36 -8.08
N SER E 184 28.49 -16.32 -9.00
CA SER E 184 28.03 -16.04 -10.35
C SER E 184 27.50 -17.30 -11.02
N LYS E 185 26.41 -17.14 -11.77
CA LYS E 185 25.70 -18.27 -12.33
C LYS E 185 24.97 -17.97 -13.64
N LYS E 186 24.64 -19.02 -14.38
CA LYS E 186 23.56 -18.96 -15.37
C LYS E 186 22.33 -19.74 -14.87
N TYR E 187 21.16 -19.16 -15.13
CA TYR E 187 19.88 -19.76 -14.79
C TYR E 187 19.24 -20.22 -16.10
N ASP E 188 18.44 -21.28 -16.10
CA ASP E 188 17.89 -21.81 -17.35
C ASP E 188 16.92 -20.86 -18.02
N CYS E 189 16.56 -19.81 -17.30
CA CYS E 189 15.53 -18.88 -17.73
C CYS E 189 16.08 -17.78 -18.68
N CYS E 190 17.35 -17.40 -18.51
CA CYS E 190 17.94 -16.26 -19.21
C CYS E 190 19.34 -16.59 -19.69
N ALA E 191 19.61 -16.26 -20.96
CA ALA E 191 20.81 -16.67 -21.67
C ALA E 191 22.06 -16.09 -21.01
N GLU E 192 21.88 -14.98 -20.30
CA GLU E 192 22.99 -14.21 -19.77
C GLU E 192 23.44 -14.75 -18.41
N ILE E 193 24.48 -14.13 -17.86
CA ILE E 193 25.07 -14.54 -16.59
C ILE E 193 24.94 -13.55 -15.44
N TYR E 194 24.38 -14.01 -14.33
CA TYR E 194 24.05 -13.08 -13.25
C TYR E 194 24.81 -13.29 -11.95
N PRO E 195 25.59 -12.28 -11.54
CA PRO E 195 26.28 -12.31 -10.25
C PRO E 195 25.32 -12.10 -9.08
N ASP E 196 25.64 -12.69 -7.94
CA ASP E 196 24.87 -12.44 -6.72
C ASP E 196 25.82 -12.31 -5.56
N VAL E 197 25.36 -11.69 -4.49
CA VAL E 197 26.07 -11.79 -3.23
C VAL E 197 25.13 -12.31 -2.21
N THR E 198 25.36 -13.53 -1.71
CA THR E 198 24.58 -14.01 -0.58
C THR E 198 25.36 -13.84 0.72
N TYR E 199 24.64 -13.49 1.78
CA TYR E 199 25.23 -13.31 3.09
C TYR E 199 24.73 -14.40 4.00
N ALA E 200 25.68 -14.95 4.75
CA ALA E 200 25.46 -16.05 5.70
C ALA E 200 25.62 -15.59 7.17
N PHE E 201 24.71 -16.05 8.02
CA PHE E 201 24.66 -15.73 9.46
C PHE E 201 24.87 -16.94 10.40
N VAL E 202 25.26 -16.67 11.63
CA VAL E 202 25.21 -17.73 12.65
C VAL E 202 24.41 -17.21 13.82
N ILE E 203 23.57 -18.08 14.36
CA ILE E 203 22.69 -17.71 15.46
C ILE E 203 22.84 -18.60 16.71
N ARG E 204 22.76 -17.94 17.85
CA ARG E 204 22.88 -18.48 19.19
C ARG E 204 21.56 -18.13 19.90
N ARG E 205 21.45 -18.20 21.24
CA ARG E 205 20.37 -17.44 21.89
C ARG E 205 20.84 -16.50 23.05
N LEU E 206 20.78 -17.01 24.29
CA LEU E 206 21.45 -16.48 25.49
C LEU E 206 21.59 -17.54 26.61
N PRO E 207 22.33 -18.65 26.38
CA PRO E 207 22.34 -19.69 27.43
C PRO E 207 23.24 -19.40 28.63
N HIS E 208 22.76 -19.11 29.73
#